data_8CE3
#
_entry.id   8CE3
#
_cell.length_a   46.860
_cell.length_b   68.540
_cell.length_c   91.310
_cell.angle_alpha   107.300
_cell.angle_beta   92.160
_cell.angle_gamma   107.050
#
_symmetry.space_group_name_H-M   'P 1'
#
loop_
_entity.id
_entity.type
_entity.pdbx_description
1 polymer 'Alpha-1,6-mannosylglycoprotein 6-beta-N-acetylglucosaminyltransferase A'
2 non-polymer 1,2-ETHANEDIOL
3 non-polymer '(3~{S})-1-ethanoyl-3-(4-methylphenyl)piperidine-3-carboxylic acid'
4 non-polymer 'SULFATE ION'
5 water water
#
_entity_poly.entity_id   1
_entity_poly.type   'polypeptide(L)'
_entity_poly.pdbx_seq_one_letter_code
;SLAEIRTDFNILYSMMKKHEEFRWMRLRIRRMADAWIQAIKSLAEKQNLEKRKRKKVLVHLGLLTKESGFKIAETAFSGG
PLGELVQWSDLITSLYLLGHDIRISASLAELKEIMGGGGVELIYIDIVGLAQFKKTLGPSWVHYQCMLRVLDSFGTEPEF
NHANYAQSKGHKTPWGKWNLNPQQFYTMFPHTPDNSFLGFVVEQHLNSSDIHHINEIKRQNQSLVYGKVDSFWKNKKIYL
DIIHTYMEVHATVYGSSTKNIPSYVKNHGILSGRDLQFLLRETKLFVGLGFPYEGPAPLEAIANGCAFLNPKFNPPKSSK
NTDFFIGKPTLRELTSQHPYAEVFIGRPHVWTVDLNNQEEVEDAVKAILNQKIEPYMPYEFTCEGMLQRINAFIEKQDFC
HGQVMWPPLSALQVKLAEPGQSCKQVCQESQLICEPSFFQHLNKDKDMLKYKVTCQSSELAKDILVPSFDPKNKHCVFQG
DLLLFSCAGAHPRHQRVCPCRDFIKGQVALCKDCL
;
_entity_poly.pdbx_strand_id   A,B
#
loop_
_chem_comp.id
_chem_comp.type
_chem_comp.name
_chem_comp.formula
EDO non-polymer 1,2-ETHANEDIOL 'C2 H6 O2'
SO4 non-polymer 'SULFATE ION' 'O4 S -2'
UE0 non-polymer '(3~{S})-1-ethanoyl-3-(4-methylphenyl)piperidine-3-carboxylic acid' 'C15 H19 N O3'
#
# COMPACT_ATOMS: atom_id res chain seq x y z
N SER A 1 -35.74 -18.68 11.75
CA SER A 1 -36.03 -18.02 13.06
C SER A 1 -34.88 -18.23 14.04
N LEU A 2 -34.29 -19.44 14.09
CA LEU A 2 -33.09 -19.66 14.88
C LEU A 2 -31.85 -19.27 14.08
N ALA A 3 -30.80 -18.82 14.77
CA ALA A 3 -29.57 -18.41 14.11
C ALA A 3 -28.71 -19.61 13.76
N GLU A 4 -28.10 -19.61 12.56
CA GLU A 4 -27.11 -20.63 12.18
C GLU A 4 -25.76 -19.98 11.89
N ILE A 5 -24.67 -20.51 12.46
CA ILE A 5 -23.36 -19.95 12.18
C ILE A 5 -23.07 -20.04 10.68
N ARG A 6 -22.47 -18.98 10.12
CA ARG A 6 -22.05 -18.97 8.72
C ARG A 6 -20.56 -19.30 8.63
N THR A 7 -20.20 -20.00 7.54
CA THR A 7 -18.83 -20.47 7.34
C THR A 7 -18.34 -20.15 5.93
N ASP A 8 -18.92 -19.14 5.30
CA ASP A 8 -18.60 -18.76 3.94
C ASP A 8 -18.96 -17.29 3.81
N PHE A 9 -18.14 -16.50 3.08
CA PHE A 9 -18.22 -15.05 3.10
C PHE A 9 -18.87 -14.42 1.88
N ASN A 10 -19.37 -15.26 0.96
CA ASN A 10 -19.82 -14.75 -0.33
C ASN A 10 -20.96 -13.78 -0.14
N ILE A 11 -21.92 -14.12 0.72
CA ILE A 11 -23.02 -13.18 0.94
C ILE A 11 -22.45 -11.90 1.55
N LEU A 12 -21.49 -12.04 2.48
CA LEU A 12 -20.97 -10.83 3.11
C LEU A 12 -20.32 -9.94 2.05
N TYR A 13 -19.48 -10.54 1.19
CA TYR A 13 -18.80 -9.79 0.13
C TYR A 13 -19.80 -9.11 -0.80
N SER A 14 -20.92 -9.79 -1.15
CA SER A 14 -21.94 -9.14 -2.00
C SER A 14 -22.55 -7.93 -1.30
N MET A 15 -22.76 -8.05 0.03
CA MET A 15 -23.44 -6.97 0.74
C MET A 15 -22.53 -5.76 0.71
N MET A 16 -21.25 -6.00 0.99
CA MET A 16 -20.28 -4.93 1.17
C MET A 16 -19.90 -4.31 -0.18
N LYS A 17 -19.90 -5.12 -1.24
CA LYS A 17 -19.68 -4.58 -2.58
C LYS A 17 -20.71 -3.50 -2.93
N LYS A 18 -21.80 -3.34 -2.17
CA LYS A 18 -22.79 -2.32 -2.47
C LYS A 18 -22.37 -0.92 -2.05
N HIS A 19 -21.23 -0.76 -1.34
CA HIS A 19 -20.72 0.56 -1.02
C HIS A 19 -19.20 0.57 -1.19
N GLU A 20 -18.73 1.62 -1.86
CA GLU A 20 -17.33 1.78 -2.20
C GLU A 20 -16.52 1.79 -0.92
N GLU A 21 -17.15 2.28 0.16
CA GLU A 21 -16.46 2.50 1.43
C GLU A 21 -15.90 1.20 1.99
N PHE A 22 -16.53 0.07 1.65
CA PHE A 22 -16.25 -1.20 2.32
C PHE A 22 -15.13 -1.97 1.65
N ARG A 23 -14.49 -1.36 0.65
CA ARG A 23 -13.56 -2.07 -0.21
C ARG A 23 -12.40 -2.60 0.64
N TRP A 24 -11.87 -1.71 1.49
CA TRP A 24 -10.69 -2.07 2.25
C TRP A 24 -11.09 -3.04 3.35
N MET A 25 -12.30 -2.91 3.89
CA MET A 25 -12.81 -3.89 4.85
C MET A 25 -12.93 -5.27 4.21
N ARG A 26 -13.41 -5.33 2.94
CA ARG A 26 -13.49 -6.62 2.27
C ARG A 26 -12.11 -7.28 2.21
N LEU A 27 -11.07 -6.48 1.90
CA LEU A 27 -9.73 -7.02 1.79
C LEU A 27 -9.23 -7.55 3.15
N ARG A 28 -9.47 -6.81 4.23
CA ARG A 28 -9.03 -7.27 5.53
C ARG A 28 -9.72 -8.60 5.89
N ILE A 29 -11.02 -8.72 5.61
CA ILE A 29 -11.76 -9.96 5.84
C ILE A 29 -11.17 -11.12 5.04
N ARG A 30 -10.84 -10.88 3.76
CA ARG A 30 -10.26 -11.92 2.91
C ARG A 30 -8.95 -12.40 3.50
N ARG A 31 -8.10 -11.48 3.96
CA ARG A 31 -6.85 -11.90 4.56
C ARG A 31 -7.11 -12.76 5.80
N MET A 32 -8.21 -12.45 6.54
CA MET A 32 -8.45 -13.02 7.86
C MET A 32 -9.47 -14.16 7.83
N ALA A 33 -10.01 -14.49 6.65
CA ALA A 33 -11.17 -15.35 6.48
C ALA A 33 -10.98 -16.69 7.18
N ASP A 34 -9.82 -17.30 7.03
CA ASP A 34 -9.67 -18.67 7.47
C ASP A 34 -9.65 -18.65 8.99
N ALA A 35 -9.00 -17.62 9.57
CA ALA A 35 -8.97 -17.45 11.02
C ALA A 35 -10.38 -17.28 11.57
N TRP A 36 -11.19 -16.46 10.91
CA TRP A 36 -12.55 -16.22 11.37
C TRP A 36 -13.35 -17.53 11.34
N ILE A 37 -13.23 -18.30 10.26
CA ILE A 37 -14.06 -19.48 10.05
C ILE A 37 -13.70 -20.53 11.10
N GLN A 38 -12.40 -20.75 11.34
CA GLN A 38 -11.95 -21.64 12.39
C GLN A 38 -12.49 -21.21 13.76
N ALA A 39 -12.54 -19.90 14.00
CA ALA A 39 -12.91 -19.42 15.32
C ALA A 39 -14.41 -19.66 15.57
N ILE A 40 -15.27 -19.42 14.56
CA ILE A 40 -16.69 -19.59 14.78
C ILE A 40 -16.99 -21.08 15.04
N LYS A 41 -16.32 -21.98 14.32
CA LYS A 41 -16.53 -23.40 14.46
C LYS A 41 -16.02 -23.86 15.81
N SER A 42 -14.84 -23.36 16.19
CA SER A 42 -14.22 -23.71 17.46
C SER A 42 -15.13 -23.28 18.65
N LEU A 43 -15.73 -22.08 18.55
CA LEU A 43 -16.57 -21.54 19.60
C LEU A 43 -17.82 -22.41 19.76
N ALA A 44 -18.48 -22.72 18.63
CA ALA A 44 -19.69 -23.54 18.61
C ALA A 44 -19.46 -24.96 19.16
N GLU A 45 -18.22 -25.43 19.10
CA GLU A 45 -17.85 -26.74 19.61
C GLU A 45 -17.62 -26.71 21.13
N LYS A 46 -17.16 -25.57 21.67
CA LYS A 46 -16.80 -25.48 23.07
C LYS A 46 -17.97 -24.95 23.92
N GLN A 47 -18.96 -24.35 23.26
CA GLN A 47 -19.87 -23.47 23.94
C GLN A 47 -21.18 -23.46 23.18
N ASN A 48 -22.31 -23.40 23.90
CA ASN A 48 -23.60 -23.73 23.31
C ASN A 48 -24.13 -22.54 22.55
N LEU A 49 -24.21 -22.67 21.22
CA LEU A 49 -24.63 -21.59 20.32
C LEU A 49 -25.94 -21.97 19.65
N GLU A 50 -26.54 -23.09 20.06
CA GLU A 50 -27.81 -23.47 19.49
C GLU A 50 -28.92 -22.70 20.19
N LYS A 51 -30.03 -22.55 19.45
CA LYS A 51 -31.29 -22.04 19.99
C LYS A 51 -31.17 -20.55 20.23
N ARG A 52 -30.27 -19.87 19.51
CA ARG A 52 -30.24 -18.43 19.56
C ARG A 52 -31.24 -17.95 18.54
N LYS A 53 -32.00 -16.91 18.90
CA LYS A 53 -32.88 -16.22 17.99
C LYS A 53 -32.01 -15.50 16.97
N ARG A 54 -32.31 -15.71 15.69
CA ARG A 54 -31.73 -14.90 14.63
C ARG A 54 -32.31 -13.50 14.74
N LYS A 55 -31.44 -12.47 14.81
CA LYS A 55 -31.90 -11.11 14.96
C LYS A 55 -31.68 -10.33 13.68
N LYS A 56 -32.59 -9.36 13.49
CA LYS A 56 -32.48 -8.37 12.44
C LYS A 56 -31.73 -7.18 13.04
N VAL A 57 -30.59 -6.86 12.44
CA VAL A 57 -29.67 -5.91 13.04
C VAL A 57 -29.39 -4.80 12.05
N LEU A 58 -29.71 -3.57 12.43
CA LEU A 58 -29.19 -2.43 11.72
C LEU A 58 -27.76 -2.08 12.18
N VAL A 59 -26.90 -1.85 11.16
CA VAL A 59 -25.56 -1.34 11.35
C VAL A 59 -25.45 -0.03 10.57
N HIS A 60 -25.49 1.12 11.26
CA HIS A 60 -25.47 2.41 10.62
C HIS A 60 -24.13 3.11 10.85
N LEU A 61 -23.36 3.29 9.79
CA LEU A 61 -22.04 3.90 9.93
C LEU A 61 -22.12 5.37 9.56
N GLY A 62 -22.37 6.21 10.56
CA GLY A 62 -22.50 7.64 10.38
C GLY A 62 -21.23 8.23 9.82
N LEU A 63 -20.11 7.65 10.24
CA LEU A 63 -18.78 8.01 9.78
C LEU A 63 -18.71 8.09 8.25
N LEU A 64 -19.36 7.16 7.55
CA LEU A 64 -19.24 7.02 6.10
C LEU A 64 -20.29 7.82 5.33
N THR A 65 -21.20 8.52 6.02
CA THR A 65 -22.19 9.35 5.34
C THR A 65 -21.49 10.59 4.82
N LYS A 66 -21.76 10.90 3.54
CA LYS A 66 -21.31 12.12 2.88
C LYS A 66 -21.48 13.32 3.81
N GLU A 67 -22.58 13.34 4.59
CA GLU A 67 -22.97 14.51 5.37
C GLU A 67 -21.94 14.78 6.48
N SER A 68 -21.18 13.76 6.92
CA SER A 68 -20.12 13.97 7.91
C SER A 68 -18.82 14.45 7.25
N GLY A 69 -18.79 14.50 5.91
CA GLY A 69 -17.69 15.11 5.20
C GLY A 69 -16.47 14.19 5.08
N PHE A 70 -16.72 12.88 5.20
CA PHE A 70 -15.67 11.89 5.10
C PHE A 70 -15.24 11.75 3.63
N LYS A 71 -14.02 11.25 3.41
CA LYS A 71 -13.47 11.07 2.09
C LYS A 71 -13.15 9.60 1.85
N ILE A 72 -13.40 9.15 0.61
CA ILE A 72 -13.09 7.79 0.19
C ILE A 72 -11.64 7.43 0.56
N ALA A 73 -10.72 8.41 0.54
CA ALA A 73 -9.32 8.19 0.88
C ALA A 73 -9.21 7.65 2.31
N GLU A 74 -10.12 8.14 3.16
CA GLU A 74 -10.07 7.88 4.58
C GLU A 74 -10.69 6.52 4.88
N THR A 75 -11.13 5.79 3.84
CA THR A 75 -11.76 4.49 4.04
C THR A 75 -10.72 3.37 4.03
N ALA A 76 -9.48 3.71 3.62
CA ALA A 76 -8.34 2.81 3.59
C ALA A 76 -7.65 2.88 4.95
N PHE A 77 -7.09 1.75 5.40
CA PHE A 77 -6.54 1.66 6.75
C PHE A 77 -5.36 2.61 6.83
N SER A 78 -4.68 2.79 5.68
CA SER A 78 -3.45 3.57 5.57
C SER A 78 -3.71 5.07 5.52
N GLY A 79 -4.96 5.49 5.19
CA GLY A 79 -5.33 6.89 5.03
C GLY A 79 -6.48 7.39 5.91
N GLY A 80 -6.91 6.60 6.92
CA GLY A 80 -8.12 6.90 7.68
C GLY A 80 -7.99 6.59 9.17
N PRO A 81 -9.12 6.50 9.92
CA PRO A 81 -9.11 6.18 11.36
C PRO A 81 -8.97 4.67 11.55
N LEU A 82 -7.73 4.25 11.87
CA LEU A 82 -7.38 2.84 11.83
C LEU A 82 -8.37 2.10 12.73
N GLY A 83 -8.46 2.56 13.98
CA GLY A 83 -9.28 1.86 14.95
C GLY A 83 -10.71 1.68 14.46
N GLU A 84 -11.34 2.79 14.04
CA GLU A 84 -12.78 2.79 13.88
C GLU A 84 -13.14 1.86 12.72
N LEU A 85 -12.33 1.89 11.66
CA LEU A 85 -12.59 1.13 10.43
C LEU A 85 -12.43 -0.36 10.72
N VAL A 86 -11.37 -0.67 11.46
CA VAL A 86 -11.11 -2.03 11.89
C VAL A 86 -12.28 -2.57 12.76
N GLN A 87 -12.70 -1.79 13.74
CA GLN A 87 -13.78 -2.23 14.62
C GLN A 87 -15.07 -2.45 13.84
N TRP A 88 -15.46 -1.51 13.00
CA TRP A 88 -16.68 -1.70 12.21
C TRP A 88 -16.63 -2.99 11.40
N SER A 89 -15.51 -3.22 10.72
CA SER A 89 -15.34 -4.42 9.94
C SER A 89 -15.47 -5.68 10.79
N ASP A 90 -14.83 -5.70 11.95
CA ASP A 90 -14.83 -6.87 12.81
C ASP A 90 -16.21 -7.09 13.44
N LEU A 91 -16.95 -6.03 13.75
CA LEU A 91 -18.28 -6.19 14.31
C LEU A 91 -19.21 -6.77 13.24
N ILE A 92 -19.19 -6.20 12.04
CA ILE A 92 -19.96 -6.73 10.92
C ILE A 92 -19.63 -8.21 10.68
N THR A 93 -18.34 -8.57 10.65
CA THR A 93 -17.92 -9.92 10.41
C THR A 93 -18.50 -10.84 11.48
N SER A 94 -18.40 -10.41 12.73
CA SER A 94 -18.81 -11.20 13.87
C SER A 94 -20.31 -11.47 13.79
N LEU A 95 -21.07 -10.45 13.44
CA LEU A 95 -22.51 -10.56 13.37
C LEU A 95 -22.91 -11.53 12.27
N TYR A 96 -22.14 -11.50 11.17
CA TYR A 96 -22.43 -12.33 10.00
C TYR A 96 -22.21 -13.79 10.34
N LEU A 97 -21.08 -14.09 11.01
CA LEU A 97 -20.68 -15.44 11.34
C LEU A 97 -21.62 -16.06 12.38
N LEU A 98 -22.15 -15.22 13.27
CA LEU A 98 -23.05 -15.71 14.31
C LEU A 98 -24.45 -15.99 13.73
N GLY A 99 -24.70 -15.52 12.52
CA GLY A 99 -25.87 -15.93 11.77
C GLY A 99 -26.97 -14.89 11.76
N HIS A 100 -26.67 -13.68 12.25
CA HIS A 100 -27.65 -12.62 12.32
C HIS A 100 -27.93 -12.05 10.94
N ASP A 101 -29.05 -11.33 10.86
CA ASP A 101 -29.53 -10.77 9.62
C ASP A 101 -29.24 -9.29 9.60
N ILE A 102 -28.15 -8.92 8.87
CA ILE A 102 -27.57 -7.60 8.96
C ILE A 102 -28.05 -6.70 7.84
N ARG A 103 -28.40 -5.48 8.21
CA ARG A 103 -28.80 -4.45 7.28
C ARG A 103 -27.81 -3.31 7.43
N ILE A 104 -26.91 -3.16 6.43
CA ILE A 104 -25.85 -2.18 6.53
C ILE A 104 -26.36 -0.88 5.95
N SER A 105 -26.06 0.24 6.59
CA SER A 105 -26.46 1.55 6.13
C SER A 105 -25.27 2.48 6.22
N ALA A 106 -25.10 3.35 5.20
CA ALA A 106 -24.02 4.30 5.17
C ALA A 106 -24.51 5.60 4.55
N SER A 107 -25.82 5.83 4.65
CA SER A 107 -26.46 7.04 4.13
C SER A 107 -27.71 7.32 4.97
N LEU A 108 -28.12 8.59 4.96
CA LEU A 108 -29.39 9.00 5.53
C LEU A 108 -30.53 8.27 4.88
N ALA A 109 -30.48 8.14 3.55
CA ALA A 109 -31.54 7.48 2.81
C ALA A 109 -31.67 6.03 3.26
N GLU A 110 -30.55 5.32 3.43
CA GLU A 110 -30.63 3.92 3.83
C GLU A 110 -31.12 3.83 5.28
N LEU A 111 -30.68 4.74 6.13
CA LEU A 111 -31.14 4.68 7.52
C LEU A 111 -32.65 4.86 7.58
N LYS A 112 -33.13 5.90 6.86
CA LYS A 112 -34.54 6.22 6.74
C LYS A 112 -35.31 5.01 6.24
N GLU A 113 -34.74 4.28 5.26
CA GLU A 113 -35.43 3.18 4.61
C GLU A 113 -35.51 1.97 5.52
N ILE A 114 -34.40 1.58 6.16
CA ILE A 114 -34.35 0.35 6.93
C ILE A 114 -35.22 0.50 8.19
N MET A 115 -35.13 1.67 8.86
CA MET A 115 -35.92 1.92 10.05
C MET A 115 -37.35 2.25 9.62
N GLY A 116 -37.47 3.01 8.52
CA GLY A 116 -38.75 3.31 7.91
C GLY A 116 -39.53 2.05 7.52
N GLY A 117 -38.87 0.87 7.50
CA GLY A 117 -39.45 -0.40 7.07
C GLY A 117 -39.78 -1.36 8.22
N GLY A 118 -39.67 -0.92 9.48
CA GLY A 118 -40.10 -1.72 10.63
C GLY A 118 -39.14 -2.85 11.00
N GLY A 119 -39.32 -3.46 12.19
CA GLY A 119 -38.79 -4.79 12.50
C GLY A 119 -37.35 -4.86 13.11
N VAL A 120 -36.66 -3.75 13.28
CA VAL A 120 -35.27 -3.77 13.75
C VAL A 120 -35.20 -4.19 15.22
N GLU A 121 -34.34 -5.16 15.61
CA GLU A 121 -34.25 -5.63 16.99
C GLU A 121 -32.97 -5.20 17.72
N LEU A 122 -31.97 -4.69 17.00
CA LEU A 122 -30.67 -4.31 17.56
C LEU A 122 -30.04 -3.34 16.60
N ILE A 123 -29.47 -2.25 17.15
CA ILE A 123 -28.93 -1.17 16.36
C ILE A 123 -27.50 -0.87 16.82
N TYR A 124 -26.54 -1.08 15.90
CA TYR A 124 -25.17 -0.66 16.06
C TYR A 124 -24.95 0.62 15.29
N ILE A 125 -24.41 1.63 15.97
CA ILE A 125 -24.36 2.96 15.40
C ILE A 125 -23.22 3.70 16.07
N ASP A 126 -22.64 4.68 15.38
CA ASP A 126 -21.68 5.59 15.99
C ASP A 126 -22.38 6.84 16.47
N ILE A 127 -21.61 7.69 17.12
CA ILE A 127 -22.08 8.92 17.73
C ILE A 127 -22.61 9.87 16.67
N VAL A 128 -21.87 10.04 15.55
CA VAL A 128 -22.34 10.88 14.47
C VAL A 128 -23.64 10.29 13.93
N GLY A 129 -23.66 8.96 13.79
CA GLY A 129 -24.84 8.28 13.31
C GLY A 129 -26.04 8.44 14.25
N LEU A 130 -25.79 8.58 15.56
CA LEU A 130 -26.87 8.66 16.53
C LEU A 130 -27.64 9.96 16.33
N ALA A 131 -26.93 11.08 16.15
CA ALA A 131 -27.58 12.35 15.86
C ALA A 131 -28.43 12.26 14.60
N GLN A 132 -27.94 11.47 13.62
CA GLN A 132 -28.64 11.24 12.37
C GLN A 132 -29.90 10.42 12.59
N PHE A 133 -29.78 9.40 13.45
CA PHE A 133 -30.89 8.51 13.76
C PHE A 133 -32.09 9.28 14.33
N LYS A 134 -31.81 10.21 15.23
CA LYS A 134 -32.84 10.93 15.91
C LYS A 134 -33.66 11.75 14.90
N LYS A 135 -32.99 12.42 13.96
CA LYS A 135 -33.68 13.19 12.92
C LYS A 135 -34.43 12.30 11.95
N THR A 136 -33.79 11.22 11.49
CA THR A 136 -34.47 10.42 10.48
C THR A 136 -35.74 9.76 11.07
N LEU A 137 -35.66 9.23 12.31
CA LEU A 137 -36.79 8.55 12.93
C LEU A 137 -37.86 9.51 13.46
N GLY A 138 -37.46 10.70 13.95
CA GLY A 138 -38.34 11.60 14.69
C GLY A 138 -38.48 11.17 16.16
N PRO A 139 -39.48 11.67 16.92
CA PRO A 139 -39.53 11.41 18.36
C PRO A 139 -39.64 9.92 18.69
N SER A 140 -40.21 9.11 17.82
CA SER A 140 -40.23 7.68 18.09
C SER A 140 -38.83 7.03 18.11
N TRP A 141 -37.77 7.81 17.90
CA TRP A 141 -36.43 7.26 18.07
C TRP A 141 -36.26 6.70 19.49
N VAL A 142 -36.94 7.30 20.48
CA VAL A 142 -36.86 6.79 21.86
C VAL A 142 -37.41 5.38 21.97
N HIS A 143 -38.26 4.94 21.05
CA HIS A 143 -38.83 3.62 21.14
C HIS A 143 -37.82 2.52 20.84
N TYR A 144 -36.72 2.94 20.21
CA TYR A 144 -35.65 2.04 19.82
C TYR A 144 -34.42 2.32 20.67
N GLN A 145 -34.51 3.24 21.63
CA GLN A 145 -33.37 3.70 22.40
C GLN A 145 -32.68 2.55 23.12
N CYS A 146 -33.44 1.60 23.65
CA CYS A 146 -32.91 0.49 24.40
C CYS A 146 -32.18 -0.51 23.51
N MET A 147 -32.39 -0.41 22.19
CA MET A 147 -31.76 -1.33 21.25
C MET A 147 -30.44 -0.76 20.71
N LEU A 148 -30.11 0.49 21.06
CA LEU A 148 -28.89 1.14 20.57
C LEU A 148 -27.68 0.53 21.24
N ARG A 149 -26.66 0.34 20.42
CA ARG A 149 -25.32 0.01 20.86
C ARG A 149 -24.38 0.96 20.12
N VAL A 150 -23.78 1.89 20.85
CA VAL A 150 -23.16 3.07 20.28
C VAL A 150 -21.64 2.90 20.36
N LEU A 151 -21.02 2.68 19.19
CA LEU A 151 -19.58 2.58 19.07
C LEU A 151 -18.98 3.96 19.32
N ASP A 152 -18.18 4.02 20.38
CA ASP A 152 -17.68 5.26 20.90
C ASP A 152 -16.29 5.01 21.47
N SER A 153 -15.23 5.25 20.66
CA SER A 153 -13.93 4.67 20.98
C SER A 153 -13.49 5.01 22.37
N PHE A 154 -13.50 6.33 22.65
CA PHE A 154 -12.89 6.88 23.85
C PHE A 154 -13.83 6.82 25.05
N GLY A 155 -15.11 6.49 24.84
CA GLY A 155 -16.01 6.23 25.96
C GLY A 155 -16.73 7.52 26.43
N THR A 156 -17.89 7.34 27.07
CA THR A 156 -18.68 8.41 27.62
C THR A 156 -18.98 8.10 29.08
N GLU A 157 -18.58 9.00 29.97
CA GLU A 157 -18.77 8.79 31.39
C GLU A 157 -20.15 9.28 31.81
N PRO A 158 -20.77 8.68 32.87
CA PRO A 158 -22.15 9.02 33.22
C PRO A 158 -22.38 10.53 33.42
N GLU A 159 -21.37 11.20 33.95
CA GLU A 159 -21.43 12.63 34.26
C GLU A 159 -21.73 13.44 33.00
N PHE A 160 -21.27 12.97 31.84
CA PHE A 160 -21.51 13.67 30.60
C PHE A 160 -22.72 13.18 29.85
N ASN A 161 -23.08 11.90 30.11
CA ASN A 161 -24.19 11.27 29.41
C ASN A 161 -25.51 11.89 29.85
N HIS A 162 -25.56 12.31 31.11
CA HIS A 162 -26.73 12.87 31.76
C HIS A 162 -26.78 14.36 31.41
N ALA A 163 -27.65 14.72 30.47
CA ALA A 163 -27.62 16.06 29.89
C ALA A 163 -27.80 17.14 30.95
N ASN A 164 -28.74 16.97 31.89
CA ASN A 164 -29.00 18.06 32.82
C ASN A 164 -27.88 18.15 33.86
N TYR A 165 -27.36 17.01 34.30
CA TYR A 165 -26.27 17.01 35.26
C TYR A 165 -25.03 17.64 34.63
N ALA A 166 -24.76 17.28 33.36
CA ALA A 166 -23.59 17.77 32.66
C ALA A 166 -23.64 19.30 32.66
N GLN A 167 -24.81 19.84 32.32
CA GLN A 167 -25.03 21.27 32.31
C GLN A 167 -24.89 21.85 33.71
N SER A 168 -25.37 21.13 34.73
CA SER A 168 -25.32 21.60 36.11
C SER A 168 -23.87 21.70 36.55
N LYS A 169 -23.01 20.85 35.97
CA LYS A 169 -21.59 20.83 36.30
C LYS A 169 -20.83 21.85 35.44
N GLY A 170 -21.52 22.53 34.52
CA GLY A 170 -20.89 23.53 33.68
C GLY A 170 -20.13 22.99 32.48
N HIS A 171 -20.18 21.68 32.18
CA HIS A 171 -19.54 21.14 30.98
C HIS A 171 -20.17 21.75 29.73
N LYS A 172 -19.33 22.18 28.77
CA LYS A 172 -19.83 22.88 27.59
C LYS A 172 -19.55 22.10 26.32
N THR A 173 -19.28 20.81 26.47
CA THR A 173 -19.01 19.98 25.31
C THR A 173 -20.29 19.79 24.50
N PRO A 174 -20.21 19.61 23.15
CA PRO A 174 -21.38 19.21 22.38
C PRO A 174 -21.64 17.71 22.48
N TRP A 175 -20.70 16.96 23.03
CA TRP A 175 -20.80 15.51 23.12
C TRP A 175 -21.49 15.06 24.41
N GLY A 176 -21.86 13.78 24.43
CA GLY A 176 -22.63 13.26 25.55
C GLY A 176 -24.08 13.74 25.41
N LYS A 177 -24.75 13.81 26.55
CA LYS A 177 -26.11 14.30 26.69
C LYS A 177 -27.14 13.38 26.05
N TRP A 178 -26.82 12.10 25.73
CA TRP A 178 -27.83 11.24 25.13
C TRP A 178 -28.77 10.59 26.13
N ASN A 179 -28.48 10.68 27.44
CA ASN A 179 -29.29 10.08 28.49
C ASN A 179 -29.51 8.57 28.23
N LEU A 180 -28.51 7.84 27.73
CA LEU A 180 -28.61 6.39 27.55
C LEU A 180 -28.23 5.68 28.84
N ASN A 181 -28.42 4.35 28.88
CA ASN A 181 -27.74 3.55 29.89
C ASN A 181 -26.29 3.51 29.48
N PRO A 182 -25.31 3.97 30.30
CA PRO A 182 -23.97 4.14 29.79
C PRO A 182 -23.32 2.83 29.33
N GLN A 183 -23.87 1.67 29.68
CA GLN A 183 -23.38 0.41 29.17
C GLN A 183 -23.73 0.22 27.70
N GLN A 184 -24.56 1.11 27.14
CA GLN A 184 -24.88 1.04 25.71
C GLN A 184 -23.74 1.64 24.87
N PHE A 185 -22.80 2.40 25.47
CA PHE A 185 -21.60 2.84 24.75
C PHE A 185 -20.56 1.71 24.69
N TYR A 186 -20.04 1.46 23.48
CA TYR A 186 -19.16 0.36 23.14
C TYR A 186 -17.79 0.93 22.77
N THR A 187 -16.75 0.60 23.55
CA THR A 187 -15.45 1.27 23.47
C THR A 187 -14.43 0.41 22.75
N MET A 188 -13.28 1.03 22.46
CA MET A 188 -12.24 0.39 21.66
C MET A 188 -11.37 -0.50 22.53
N PHE A 189 -11.19 -0.09 23.78
CA PHE A 189 -10.41 -0.78 24.78
C PHE A 189 -11.20 -0.74 26.07
N PRO A 190 -10.93 -1.66 27.02
CA PRO A 190 -11.69 -1.70 28.27
C PRO A 190 -11.15 -0.70 29.27
N HIS A 191 -11.27 0.60 28.93
CA HIS A 191 -10.73 1.69 29.75
C HIS A 191 -11.85 2.32 30.59
N THR A 192 -13.11 2.00 30.29
CA THR A 192 -14.23 2.74 30.87
C THR A 192 -15.32 1.77 31.29
N PRO A 193 -15.28 1.23 32.53
CA PRO A 193 -16.20 0.17 32.94
C PRO A 193 -17.65 0.66 33.04
N ASP A 194 -17.88 1.99 33.03
CA ASP A 194 -19.24 2.47 32.90
C ASP A 194 -19.84 2.06 31.55
N ASN A 195 -18.97 1.77 30.58
CA ASN A 195 -19.38 1.43 29.23
C ASN A 195 -19.07 -0.05 28.98
N SER A 196 -19.44 -0.58 27.82
CA SER A 196 -19.06 -1.92 27.45
C SER A 196 -17.82 -1.87 26.56
N PHE A 197 -16.96 -2.88 26.69
CA PHE A 197 -15.82 -3.00 25.78
C PHE A 197 -16.22 -3.81 24.54
N LEU A 198 -16.15 -3.21 23.34
CA LEU A 198 -16.37 -3.94 22.10
C LEU A 198 -15.03 -4.43 21.53
N GLY A 199 -14.08 -3.52 21.35
CA GLY A 199 -12.78 -3.85 20.76
C GLY A 199 -12.85 -4.25 19.29
N PHE A 200 -11.98 -5.21 18.94
CA PHE A 200 -11.72 -5.59 17.56
C PHE A 200 -10.80 -6.80 17.57
N VAL A 201 -10.39 -7.24 16.39
CA VAL A 201 -9.46 -8.35 16.31
C VAL A 201 -8.12 -7.87 15.78
N VAL A 202 -7.05 -8.36 16.39
CA VAL A 202 -5.73 -8.10 15.90
C VAL A 202 -5.33 -9.17 14.89
N GLU A 203 -5.03 -8.71 13.65
CA GLU A 203 -4.65 -9.62 12.59
C GLU A 203 -3.28 -10.21 12.90
N GLN A 204 -3.13 -11.52 12.68
CA GLN A 204 -1.85 -12.20 12.86
C GLN A 204 -1.72 -13.30 11.82
N HIS A 205 -0.56 -13.35 11.15
CA HIS A 205 -0.33 -14.30 10.08
C HIS A 205 1.04 -14.98 10.27
N ILE A 217 14.31 -14.98 11.73
CA ILE A 217 13.81 -13.97 10.74
C ILE A 217 14.04 -12.56 11.28
N LYS A 218 13.87 -12.38 12.58
CA LYS A 218 13.83 -11.06 13.18
C LYS A 218 15.24 -10.49 13.23
N ARG A 219 15.38 -9.26 12.77
CA ARG A 219 16.63 -8.54 12.84
C ARG A 219 16.70 -7.91 14.22
N GLN A 220 17.62 -8.46 15.02
CA GLN A 220 17.73 -8.18 16.44
C GLN A 220 17.84 -6.68 16.69
N ASN A 221 18.44 -5.93 15.76
CA ASN A 221 18.74 -4.54 16.07
C ASN A 221 17.85 -3.61 15.25
N GLN A 222 16.66 -4.07 14.88
CA GLN A 222 15.77 -3.25 14.06
C GLN A 222 14.60 -2.74 14.87
N SER A 223 14.48 -1.42 14.95
CA SER A 223 13.33 -0.74 15.50
C SER A 223 12.55 -0.04 14.39
N LEU A 224 11.24 0.03 14.59
CA LEU A 224 10.33 0.69 13.67
C LEU A 224 9.51 1.67 14.48
N VAL A 225 9.47 2.92 14.02
CA VAL A 225 8.73 3.95 14.71
C VAL A 225 7.25 3.90 14.29
N TYR A 226 6.39 4.02 15.30
CA TYR A 226 4.97 4.22 15.09
C TYR A 226 4.67 5.70 14.85
N GLY A 227 4.23 6.04 13.64
CA GLY A 227 3.96 7.43 13.32
C GLY A 227 4.17 7.74 11.84
N LYS A 228 3.06 7.81 11.11
CA LYS A 228 3.10 7.87 9.65
C LYS A 228 3.31 9.32 9.16
N VAL A 229 3.09 10.30 10.04
CA VAL A 229 3.08 11.73 9.71
C VAL A 229 4.25 12.38 10.44
N ASP A 230 4.96 13.26 9.71
CA ASP A 230 6.13 14.00 10.18
C ASP A 230 5.85 14.72 11.49
N SER A 231 4.64 15.30 11.64
CA SER A 231 4.32 16.11 12.80
C SER A 231 4.40 15.29 14.09
N PHE A 232 4.13 13.97 14.00
CA PHE A 232 4.20 13.10 15.17
C PHE A 232 5.63 13.02 15.70
N TRP A 233 6.61 13.26 14.84
CA TRP A 233 8.02 13.15 15.20
C TRP A 233 8.57 14.42 15.85
N LYS A 234 7.76 15.47 16.00
CA LYS A 234 8.21 16.75 16.56
C LYS A 234 8.81 16.57 17.97
N ASN A 235 10.11 16.88 18.10
CA ASN A 235 10.85 16.96 19.37
C ASN A 235 11.15 15.59 19.98
N LYS A 236 11.40 14.59 19.12
CA LYS A 236 11.66 13.26 19.65
C LYS A 236 13.10 12.86 19.38
N LYS A 237 13.93 13.84 18.99
CA LYS A 237 15.27 13.57 18.52
C LYS A 237 16.08 12.88 19.62
N ILE A 238 16.03 13.39 20.85
CA ILE A 238 16.88 12.82 21.90
C ILE A 238 16.46 11.38 22.18
N TYR A 239 15.14 11.16 22.30
CA TYR A 239 14.60 9.82 22.44
C TYR A 239 15.10 8.93 21.31
N LEU A 240 14.91 9.39 20.07
CA LEU A 240 15.29 8.54 18.96
C LEU A 240 16.80 8.28 18.95
N ASP A 241 17.61 9.31 19.28
CA ASP A 241 19.06 9.15 19.33
C ASP A 241 19.49 8.06 20.30
N ILE A 242 18.81 7.99 21.44
CA ILE A 242 19.12 6.93 22.40
C ILE A 242 18.82 5.57 21.77
N ILE A 243 17.62 5.48 21.16
CA ILE A 243 17.26 4.23 20.53
C ILE A 243 18.32 3.92 19.49
N HIS A 244 18.73 4.93 18.71
CA HIS A 244 19.66 4.73 17.60
C HIS A 244 21.06 4.30 18.04
N THR A 245 21.40 4.54 19.30
CA THR A 245 22.66 4.08 19.89
C THR A 245 22.72 2.55 19.86
N TYR A 246 21.57 1.88 20.00
CA TYR A 246 21.53 0.43 20.05
C TYR A 246 20.88 -0.22 18.83
N MET A 247 20.06 0.51 18.06
CA MET A 247 19.26 -0.13 17.02
C MET A 247 19.18 0.77 15.80
N GLU A 248 19.04 0.15 14.63
CA GLU A 248 18.57 0.88 13.47
C GLU A 248 17.15 1.36 13.79
N VAL A 249 16.85 2.56 13.31
CA VAL A 249 15.54 3.17 13.39
C VAL A 249 14.92 3.26 11.98
N HIS A 250 13.81 2.54 11.80
CA HIS A 250 13.06 2.49 10.57
C HIS A 250 11.75 3.24 10.74
N ALA A 251 11.13 3.58 9.59
CA ALA A 251 9.89 4.32 9.59
C ALA A 251 8.98 3.86 8.44
N THR A 252 7.71 4.24 8.53
CA THR A 252 6.73 4.12 7.44
C THR A 252 6.00 5.46 7.33
N VAL A 253 6.72 6.42 6.76
CA VAL A 253 6.27 7.79 6.77
C VAL A 253 5.90 8.16 5.34
N TYR A 254 4.72 8.70 5.15
CA TYR A 254 4.23 9.05 3.83
C TYR A 254 3.16 10.14 4.04
N THR A 258 8.66 15.80 6.22
CA THR A 258 9.91 14.99 6.26
C THR A 258 11.00 15.55 7.19
N LYS A 259 10.89 16.80 7.64
CA LYS A 259 12.05 17.48 8.18
C LYS A 259 12.04 17.43 9.71
N ASN A 260 11.22 16.55 10.30
CA ASN A 260 11.36 16.20 11.71
C ASN A 260 12.04 14.84 11.90
N ILE A 261 12.45 14.21 10.80
CA ILE A 261 12.90 12.83 10.84
C ILE A 261 14.41 12.83 10.70
N PRO A 262 15.18 12.35 11.70
CA PRO A 262 16.64 12.32 11.57
C PRO A 262 17.08 11.56 10.31
N SER A 263 18.25 11.95 9.78
CA SER A 263 18.68 11.44 8.49
C SER A 263 19.11 9.98 8.60
N TYR A 264 19.42 9.50 9.83
CA TYR A 264 19.70 8.08 9.99
C TYR A 264 18.43 7.20 9.83
N VAL A 265 17.22 7.78 9.79
CA VAL A 265 16.03 6.93 9.79
C VAL A 265 15.86 6.25 8.44
N LYS A 266 15.57 4.96 8.46
CA LYS A 266 15.37 4.21 7.23
C LYS A 266 13.89 4.13 6.92
N ASN A 267 13.40 5.06 6.07
CA ASN A 267 12.01 5.12 5.66
C ASN A 267 11.67 4.01 4.67
N HIS A 268 10.54 3.33 4.89
CA HIS A 268 10.05 2.36 3.92
C HIS A 268 8.87 2.90 3.11
N GLY A 269 8.31 4.03 3.50
CA GLY A 269 7.11 4.58 2.89
C GLY A 269 5.86 3.80 3.29
N ILE A 270 4.84 3.86 2.44
CA ILE A 270 3.53 3.30 2.74
C ILE A 270 3.59 1.81 2.43
N LEU A 271 3.25 0.96 3.41
CA LEU A 271 3.22 -0.48 3.26
C LEU A 271 1.86 -0.93 3.78
N SER A 272 1.32 -2.04 3.28
CA SER A 272 0.16 -2.63 3.94
C SER A 272 0.16 -4.13 3.70
N GLY A 273 -0.80 -4.82 4.31
CA GLY A 273 -0.99 -6.22 3.99
C GLY A 273 0.25 -7.04 4.37
N ARG A 274 0.59 -8.00 3.50
CA ARG A 274 1.70 -8.91 3.74
C ARG A 274 3.03 -8.17 3.82
N ASP A 275 3.14 -7.04 3.15
CA ASP A 275 4.38 -6.27 3.16
C ASP A 275 4.60 -5.65 4.53
N LEU A 276 3.56 -5.03 5.11
CA LEU A 276 3.71 -4.45 6.44
C LEU A 276 3.94 -5.57 7.46
N GLN A 277 3.22 -6.68 7.30
CA GLN A 277 3.41 -7.81 8.19
C GLN A 277 4.84 -8.31 8.12
N PHE A 278 5.41 -8.32 6.91
CA PHE A 278 6.78 -8.80 6.79
C PHE A 278 7.70 -7.87 7.58
N LEU A 279 7.57 -6.54 7.37
CA LEU A 279 8.37 -5.55 8.09
C LEU A 279 8.23 -5.74 9.60
N LEU A 280 7.03 -6.00 10.10
CA LEU A 280 6.85 -6.21 11.54
C LEU A 280 7.56 -7.48 12.04
N ARG A 281 7.42 -8.54 11.25
CA ARG A 281 8.00 -9.83 11.62
C ARG A 281 9.50 -9.68 11.74
N GLU A 282 10.09 -8.80 10.93
CA GLU A 282 11.53 -8.53 10.87
C GLU A 282 11.98 -7.58 11.98
N THR A 283 11.03 -6.92 12.66
CA THR A 283 11.33 -5.83 13.57
C THR A 283 11.34 -6.38 15.01
N LYS A 284 12.37 -5.97 15.76
CA LYS A 284 12.52 -6.29 17.16
C LYS A 284 11.65 -5.39 18.04
N LEU A 285 11.60 -4.10 17.70
CA LEU A 285 11.01 -3.11 18.59
C LEU A 285 10.18 -2.10 17.80
N PHE A 286 8.90 -1.95 18.17
CA PHE A 286 8.01 -0.96 17.62
C PHE A 286 8.02 0.19 18.62
N VAL A 287 8.33 1.39 18.15
CA VAL A 287 8.57 2.54 19.02
C VAL A 287 7.43 3.54 18.97
N GLY A 288 6.83 3.76 20.14
CA GLY A 288 5.82 4.77 20.30
C GLY A 288 6.47 6.13 20.51
N LEU A 289 5.89 7.15 19.88
CA LEU A 289 6.31 8.54 20.04
C LEU A 289 5.50 9.33 21.06
N GLY A 290 4.32 8.83 21.46
CA GLY A 290 3.47 9.59 22.37
C GLY A 290 2.06 9.81 21.83
N PHE A 291 1.96 9.69 20.51
CA PHE A 291 0.76 10.00 19.75
C PHE A 291 0.89 9.21 18.44
N PRO A 292 -0.18 8.62 17.86
CA PRO A 292 -1.51 8.65 18.44
C PRO A 292 -1.77 7.73 19.63
N TYR A 293 -2.86 8.03 20.32
CA TYR A 293 -3.22 7.38 21.56
C TYR A 293 -4.02 6.10 21.26
N GLU A 294 -3.64 4.99 21.88
CA GLU A 294 -4.38 3.75 21.84
C GLU A 294 -4.39 3.23 20.42
N GLY A 295 -5.55 2.77 19.96
CA GLY A 295 -5.63 2.25 18.62
C GLY A 295 -4.93 0.91 18.46
N PRO A 296 -5.13 0.27 17.30
CA PRO A 296 -4.69 -1.10 17.09
C PRO A 296 -3.19 -1.32 16.85
N ALA A 297 -2.46 -0.31 16.34
CA ALA A 297 -1.13 -0.53 15.75
C ALA A 297 -0.16 -1.20 16.73
N PRO A 298 -0.02 -0.76 18.01
CA PRO A 298 0.89 -1.47 18.92
C PRO A 298 0.52 -2.94 19.09
N LEU A 299 -0.78 -3.31 19.16
CA LEU A 299 -1.20 -4.69 19.33
C LEU A 299 -0.81 -5.50 18.10
N GLU A 300 -0.87 -4.90 16.90
CA GLU A 300 -0.53 -5.62 15.69
C GLU A 300 0.96 -5.94 15.68
N ALA A 301 1.79 -5.00 16.15
CA ALA A 301 3.21 -5.25 16.27
C ALA A 301 3.52 -6.37 17.27
N ILE A 302 2.84 -6.37 18.43
CA ILE A 302 3.05 -7.36 19.48
C ILE A 302 2.63 -8.75 18.98
N ALA A 303 1.58 -8.76 18.14
CA ALA A 303 1.06 -10.01 17.59
C ALA A 303 2.05 -10.58 16.57
N ASN A 304 2.99 -9.77 16.10
CA ASN A 304 4.02 -10.22 15.19
C ASN A 304 5.37 -10.33 15.90
N GLY A 305 5.38 -10.37 17.23
CA GLY A 305 6.58 -10.71 17.98
C GLY A 305 7.45 -9.49 18.26
N CYS A 306 6.94 -8.30 17.98
CA CYS A 306 7.67 -7.09 18.30
C CYS A 306 7.42 -6.72 19.76
N ALA A 307 8.43 -6.15 20.39
CA ALA A 307 8.26 -5.45 21.66
C ALA A 307 7.76 -4.05 21.32
N PHE A 308 7.07 -3.41 22.27
CA PHE A 308 6.55 -2.07 22.10
C PHE A 308 7.10 -1.16 23.18
N LEU A 309 7.74 -0.09 22.79
CA LEU A 309 8.21 0.93 23.72
C LEU A 309 7.12 1.98 23.84
N ASN A 310 6.56 2.06 25.05
CA ASN A 310 5.29 2.72 25.28
C ASN A 310 5.52 3.96 26.15
N PRO A 311 5.46 5.18 25.58
CA PRO A 311 5.70 6.40 26.35
C PRO A 311 4.75 6.57 27.52
N LYS A 312 5.36 6.75 28.71
CA LYS A 312 4.67 6.92 29.95
C LYS A 312 4.28 8.40 30.06
N PHE A 313 3.06 8.65 30.57
CA PHE A 313 2.58 10.01 30.71
C PHE A 313 2.50 10.33 32.19
N ASN A 314 3.46 11.12 32.65
CA ASN A 314 3.63 11.43 34.05
C ASN A 314 3.83 12.94 34.08
N PRO A 315 2.77 13.75 34.30
CA PRO A 315 1.48 13.27 34.78
C PRO A 315 0.64 12.71 33.62
N PRO A 316 -0.42 11.96 33.95
CA PRO A 316 -1.27 11.32 32.94
C PRO A 316 -1.93 12.38 32.06
N LYS A 317 -2.31 12.00 30.85
CA LYS A 317 -2.88 12.97 29.94
C LYS A 317 -4.41 12.87 30.03
N SER A 318 -5.07 14.05 30.02
CA SER A 318 -6.52 14.17 30.02
C SER A 318 -6.93 15.57 29.51
N SER A 319 -8.23 15.88 29.57
CA SER A 319 -8.72 17.23 29.28
C SER A 319 -8.03 18.33 30.08
N LYS A 320 -7.49 18.01 31.24
CA LYS A 320 -6.88 19.02 32.07
C LYS A 320 -5.57 19.53 31.47
N ASN A 321 -4.87 18.73 30.64
CA ASN A 321 -3.54 19.17 30.22
C ASN A 321 -3.31 18.98 28.74
N THR A 322 -4.29 18.44 27.99
CA THR A 322 -4.05 18.05 26.61
C THR A 322 -5.24 18.47 25.74
N ASP A 323 -4.97 19.32 24.73
CA ASP A 323 -5.97 19.86 23.83
C ASP A 323 -6.83 18.78 23.15
N PHE A 324 -6.19 17.70 22.70
CA PHE A 324 -6.89 16.60 22.05
C PHE A 324 -8.08 16.09 22.84
N PHE A 325 -8.00 16.09 24.18
CA PHE A 325 -9.00 15.50 25.05
C PHE A 325 -10.11 16.48 25.44
N ILE A 326 -9.95 17.78 25.09
CA ILE A 326 -10.94 18.77 25.48
C ILE A 326 -12.19 18.49 24.70
N GLY A 327 -13.32 18.54 25.37
CA GLY A 327 -14.58 18.30 24.68
C GLY A 327 -15.00 16.82 24.69
N LYS A 328 -14.07 15.92 25.00
CA LYS A 328 -14.44 14.50 25.02
C LYS A 328 -15.34 14.28 26.24
N PRO A 329 -16.47 13.55 26.09
CA PRO A 329 -17.41 13.36 27.21
C PRO A 329 -16.95 12.38 28.28
N THR A 330 -15.76 12.64 28.83
CA THR A 330 -15.11 11.78 29.78
C THR A 330 -13.94 12.54 30.37
N LEU A 331 -13.60 12.19 31.61
CA LEU A 331 -12.48 12.75 32.34
C LEU A 331 -11.39 11.71 32.49
N ARG A 332 -11.53 10.56 31.80
CA ARG A 332 -10.55 9.49 31.86
C ARG A 332 -9.15 10.03 31.56
N GLU A 333 -8.15 9.57 32.32
CA GLU A 333 -6.76 9.97 32.11
C GLU A 333 -5.99 8.82 31.47
N LEU A 334 -5.03 9.15 30.58
CA LEU A 334 -4.17 8.13 29.99
C LEU A 334 -2.83 8.11 30.74
N THR A 335 -2.44 6.94 31.27
CA THR A 335 -1.18 6.78 31.97
C THR A 335 -0.03 6.59 31.01
N SER A 336 -0.35 6.31 29.75
CA SER A 336 0.65 6.05 28.73
C SER A 336 -0.01 6.14 27.36
N GLN A 337 0.78 6.10 26.31
CA GLN A 337 0.26 6.17 24.95
C GLN A 337 -0.80 5.07 24.74
N HIS A 338 -0.53 3.89 25.27
CA HIS A 338 -1.39 2.73 25.09
C HIS A 338 -1.58 2.09 26.46
N PRO A 339 -2.54 2.56 27.29
CA PRO A 339 -2.76 1.99 28.62
C PRO A 339 -3.16 0.51 28.66
N TYR A 340 -3.90 0.06 27.66
CA TYR A 340 -4.23 -1.35 27.56
C TYR A 340 -2.95 -2.19 27.44
N ALA A 341 -2.06 -1.80 26.52
CA ALA A 341 -0.79 -2.49 26.35
C ALA A 341 0.02 -2.47 27.64
N GLU A 342 0.10 -1.31 28.29
CA GLU A 342 0.80 -1.13 29.56
C GLU A 342 0.28 -2.09 30.62
N VAL A 343 -1.03 -2.18 30.81
CA VAL A 343 -1.57 -2.79 32.02
C VAL A 343 -1.95 -4.24 31.73
N PHE A 344 -2.52 -4.53 30.55
CA PHE A 344 -3.07 -5.83 30.27
C PHE A 344 -2.06 -6.71 29.55
N ILE A 345 -0.93 -6.13 29.11
CA ILE A 345 0.11 -6.94 28.47
C ILE A 345 1.39 -6.80 29.29
N GLY A 346 1.95 -5.60 29.36
CA GLY A 346 3.15 -5.37 30.14
C GLY A 346 4.36 -6.13 29.62
N ARG A 347 5.41 -6.11 30.44
CA ARG A 347 6.68 -6.72 30.10
C ARG A 347 6.48 -8.21 29.98
N PRO A 348 7.25 -8.91 29.13
CA PRO A 348 8.35 -8.28 28.38
C PRO A 348 7.97 -7.67 27.03
N HIS A 349 6.72 -7.86 26.61
CA HIS A 349 6.29 -7.40 25.30
C HIS A 349 6.20 -5.86 25.26
N VAL A 350 5.84 -5.23 26.37
CA VAL A 350 5.59 -3.81 26.44
C VAL A 350 6.46 -3.21 27.54
N TRP A 351 7.30 -2.23 27.15
CA TRP A 351 8.06 -1.44 28.12
C TRP A 351 7.54 -0.01 28.14
N THR A 352 6.99 0.37 29.28
CA THR A 352 6.44 1.66 29.52
C THR A 352 7.48 2.54 30.22
N VAL A 353 7.88 3.59 29.51
CA VAL A 353 9.04 4.40 29.86
C VAL A 353 8.67 5.87 29.66
N ASP A 354 9.18 6.71 30.58
CA ASP A 354 9.11 8.14 30.41
C ASP A 354 10.20 8.54 29.41
N LEU A 355 9.77 9.10 28.28
CA LEU A 355 10.65 9.62 27.26
C LEU A 355 11.64 10.64 27.81
N ASN A 356 11.25 11.39 28.84
CA ASN A 356 12.09 12.44 29.40
C ASN A 356 13.20 11.86 30.28
N ASN A 357 13.10 10.57 30.63
CA ASN A 357 14.05 9.90 31.48
C ASN A 357 14.97 9.03 30.61
N GLN A 358 16.14 9.62 30.28
CA GLN A 358 17.13 9.03 29.40
C GLN A 358 17.53 7.63 29.85
N GLU A 359 17.54 7.41 31.17
CA GLU A 359 18.06 6.19 31.76
C GLU A 359 17.05 5.06 31.57
N GLU A 360 15.78 5.37 31.89
CA GLU A 360 14.70 4.43 31.71
C GLU A 360 14.68 3.94 30.24
N VAL A 361 14.76 4.88 29.28
CA VAL A 361 14.70 4.53 27.86
C VAL A 361 15.84 3.59 27.50
N GLU A 362 17.06 3.99 27.84
CA GLU A 362 18.24 3.23 27.49
C GLU A 362 18.21 1.81 28.05
N ASP A 363 17.86 1.68 29.31
CA ASP A 363 17.79 0.36 29.93
C ASP A 363 16.73 -0.50 29.25
N ALA A 364 15.58 0.11 28.91
CA ALA A 364 14.52 -0.62 28.22
C ALA A 364 15.05 -1.15 26.90
N VAL A 365 15.74 -0.28 26.16
CA VAL A 365 16.16 -0.65 24.81
C VAL A 365 17.18 -1.79 24.89
N LYS A 366 18.14 -1.67 25.82
CA LYS A 366 19.10 -2.76 26.02
C LYS A 366 18.41 -4.07 26.41
N ALA A 367 17.46 -4.00 27.36
CA ALA A 367 16.76 -5.21 27.74
C ALA A 367 16.11 -5.84 26.51
N ILE A 368 15.37 -5.00 25.75
CA ILE A 368 14.56 -5.46 24.63
C ILE A 368 15.48 -6.14 23.61
N LEU A 369 16.65 -5.53 23.34
CA LEU A 369 17.65 -6.11 22.43
C LEU A 369 17.99 -7.54 22.85
N ASN A 370 18.03 -7.80 24.16
CA ASN A 370 18.52 -9.08 24.65
C ASN A 370 17.40 -10.05 24.97
N GLN A 371 16.15 -9.58 24.91
CA GLN A 371 15.00 -10.41 25.16
C GLN A 371 14.73 -11.39 24.04
N LYS A 372 14.09 -12.50 24.39
CA LYS A 372 13.50 -13.40 23.40
C LYS A 372 12.02 -13.49 23.70
N ILE A 373 11.16 -13.10 22.75
CA ILE A 373 9.73 -13.06 23.03
C ILE A 373 8.99 -13.69 21.88
N GLU A 374 7.79 -14.17 22.21
CA GLU A 374 6.91 -14.81 21.24
C GLU A 374 5.81 -13.83 20.80
N PRO A 375 5.28 -13.98 19.57
CA PRO A 375 4.00 -13.36 19.22
C PRO A 375 3.04 -13.56 20.37
N TYR A 376 2.30 -12.50 20.74
CA TYR A 376 1.33 -12.58 21.83
C TYR A 376 0.10 -11.72 21.52
N MET A 377 -1.06 -12.23 21.92
CA MET A 377 -2.32 -11.57 21.68
C MET A 377 -3.25 -11.96 22.81
N PRO A 378 -3.79 -11.05 23.62
CA PRO A 378 -4.70 -11.45 24.69
C PRO A 378 -5.94 -11.98 23.98
N TYR A 379 -6.66 -12.85 24.66
CA TYR A 379 -7.70 -13.68 24.07
C TYR A 379 -8.83 -12.80 23.52
N GLU A 380 -9.17 -11.72 24.23
CA GLU A 380 -10.22 -10.80 23.81
C GLU A 380 -9.96 -10.14 22.45
N PHE A 381 -8.70 -10.10 21.97
CA PHE A 381 -8.42 -9.50 20.69
C PHE A 381 -8.22 -10.57 19.60
N THR A 382 -8.63 -11.83 19.87
CA THR A 382 -8.61 -12.86 18.82
C THR A 382 -9.99 -12.92 18.22
N CYS A 383 -10.06 -13.54 17.04
CA CYS A 383 -11.33 -13.85 16.40
C CYS A 383 -12.28 -14.57 17.37
N GLU A 384 -11.84 -15.67 17.99
CA GLU A 384 -12.72 -16.43 18.85
C GLU A 384 -13.10 -15.59 20.08
N GLY A 385 -12.16 -14.85 20.64
CA GLY A 385 -12.45 -13.98 21.77
C GLY A 385 -13.52 -12.94 21.46
N MET A 386 -13.44 -12.30 20.30
CA MET A 386 -14.38 -11.27 19.96
C MET A 386 -15.74 -11.88 19.67
N LEU A 387 -15.77 -13.02 18.95
CA LEU A 387 -17.03 -13.72 18.74
C LEU A 387 -17.71 -14.05 20.07
N GLN A 388 -16.94 -14.57 21.03
CA GLN A 388 -17.48 -14.90 22.32
C GLN A 388 -18.10 -13.67 22.99
N ARG A 389 -17.37 -12.56 22.94
CA ARG A 389 -17.77 -11.35 23.62
C ARG A 389 -19.06 -10.79 23.01
N ILE A 390 -19.07 -10.62 21.68
CA ILE A 390 -20.21 -9.98 21.03
C ILE A 390 -21.43 -10.91 21.10
N ASN A 391 -21.21 -12.23 21.02
CA ASN A 391 -22.31 -13.17 21.13
C ASN A 391 -22.95 -13.08 22.52
N ALA A 392 -22.16 -13.01 23.57
CA ALA A 392 -22.64 -12.81 24.92
C ALA A 392 -23.44 -11.50 25.04
N PHE A 393 -22.92 -10.40 24.48
CA PHE A 393 -23.68 -9.14 24.55
C PHE A 393 -25.02 -9.30 23.85
N ILE A 394 -25.01 -9.91 22.66
CA ILE A 394 -26.23 -10.03 21.87
C ILE A 394 -27.25 -10.87 22.64
N GLU A 395 -26.81 -11.93 23.29
CA GLU A 395 -27.73 -12.89 23.84
C GLU A 395 -28.18 -12.43 25.22
N LYS A 396 -27.32 -11.69 25.92
CA LYS A 396 -27.52 -11.50 27.35
C LYS A 396 -27.77 -10.05 27.76
N GLN A 397 -27.29 -9.10 26.97
CA GLN A 397 -27.35 -7.71 27.43
C GLN A 397 -28.66 -7.13 26.94
N ASP A 398 -29.54 -6.72 27.83
CA ASP A 398 -30.84 -6.24 27.40
C ASP A 398 -31.18 -5.01 28.23
N PHE A 399 -31.41 -3.90 27.57
CA PHE A 399 -31.74 -2.66 28.26
C PHE A 399 -33.24 -2.38 28.07
N CYS A 400 -33.97 -3.31 27.45
CA CYS A 400 -35.35 -3.02 27.04
C CYS A 400 -36.38 -3.50 28.08
N HIS A 401 -36.42 -4.81 28.28
CA HIS A 401 -37.36 -5.50 29.14
C HIS A 401 -37.21 -5.02 30.59
N MET A 405 -30.47 -9.39 36.57
CA MET A 405 -30.70 -10.04 35.27
C MET A 405 -29.33 -10.46 34.71
N TRP A 406 -28.59 -9.58 34.00
CA TRP A 406 -27.24 -9.95 33.56
C TRP A 406 -26.30 -8.73 33.59
N PRO A 407 -25.08 -8.85 34.12
CA PRO A 407 -24.58 -10.06 34.74
C PRO A 407 -25.36 -10.47 36.00
N PRO A 408 -25.30 -11.77 36.37
CA PRO A 408 -26.02 -12.28 37.55
C PRO A 408 -25.47 -11.73 38.86
N LEU A 409 -26.39 -11.58 39.84
CA LEU A 409 -26.09 -10.98 41.12
C LEU A 409 -25.00 -11.75 41.87
N SER A 410 -24.93 -13.08 41.63
CA SER A 410 -23.89 -13.91 42.19
C SER A 410 -22.47 -13.39 41.91
N ALA A 411 -22.28 -12.54 40.90
CA ALA A 411 -20.96 -12.04 40.55
C ALA A 411 -20.58 -10.80 41.35
N LEU A 412 -21.55 -10.21 42.05
CA LEU A 412 -21.29 -8.98 42.78
C LEU A 412 -20.31 -9.24 43.92
N GLN A 413 -19.23 -8.47 43.97
CA GLN A 413 -18.36 -8.35 45.14
C GLN A 413 -18.22 -6.88 45.49
N VAL A 414 -18.75 -6.49 46.65
CA VAL A 414 -18.69 -5.10 47.07
C VAL A 414 -17.33 -4.80 47.68
N LYS A 415 -16.78 -3.64 47.33
CA LYS A 415 -15.56 -3.12 47.93
C LYS A 415 -15.81 -1.66 48.28
N LEU A 416 -15.03 -1.12 49.21
CA LEU A 416 -15.17 0.27 49.62
C LEU A 416 -13.95 1.04 49.14
N ALA A 417 -14.19 2.02 48.26
CA ALA A 417 -13.11 2.86 47.76
C ALA A 417 -12.74 3.90 48.82
N GLU A 418 -11.44 4.09 49.01
CA GLU A 418 -10.95 5.09 49.95
C GLU A 418 -11.17 6.46 49.34
N PRO A 419 -11.08 7.54 50.15
CA PRO A 419 -11.15 8.90 49.62
C PRO A 419 -10.07 9.11 48.55
N GLY A 420 -10.41 9.82 47.48
CA GLY A 420 -9.49 10.04 46.37
C GLY A 420 -9.35 8.82 45.45
N GLN A 421 -10.16 7.78 45.70
CA GLN A 421 -10.15 6.56 44.91
C GLN A 421 -11.53 6.29 44.30
N SER A 422 -11.56 5.96 43.00
CA SER A 422 -12.80 5.70 42.27
C SER A 422 -13.21 4.25 42.46
N CYS A 423 -14.49 3.95 42.17
CA CYS A 423 -14.95 2.59 42.08
C CYS A 423 -14.16 1.84 41.00
N LYS A 424 -13.82 2.52 39.90
CA LYS A 424 -13.04 1.89 38.83
C LYS A 424 -11.75 1.35 39.44
N GLN A 425 -11.01 2.23 40.13
CA GLN A 425 -9.73 1.93 40.76
C GLN A 425 -9.84 0.81 41.81
N VAL A 426 -10.83 0.88 42.72
CA VAL A 426 -10.84 -0.08 43.81
C VAL A 426 -11.09 -1.49 43.26
N CYS A 427 -11.95 -1.64 42.25
CA CYS A 427 -12.16 -2.97 41.68
C CYS A 427 -10.86 -3.45 41.02
N GLN A 428 -10.25 -2.58 40.21
CA GLN A 428 -8.99 -2.87 39.53
C GLN A 428 -7.92 -3.45 40.44
N GLU A 429 -7.70 -2.83 41.61
CA GLU A 429 -6.64 -3.23 42.52
C GLU A 429 -6.99 -4.54 43.23
N SER A 430 -8.25 -4.99 43.18
CA SER A 430 -8.61 -6.32 43.65
C SER A 430 -8.58 -7.34 42.52
N GLN A 431 -8.13 -6.95 41.32
CA GLN A 431 -8.13 -7.78 40.11
C GLN A 431 -9.56 -8.05 39.64
N LEU A 432 -10.46 -7.10 39.95
CA LEU A 432 -11.85 -7.16 39.51
C LEU A 432 -12.09 -5.98 38.55
N ILE A 433 -13.36 -5.76 38.20
CA ILE A 433 -13.74 -4.62 37.38
C ILE A 433 -15.07 -4.13 37.90
N CYS A 434 -15.29 -2.82 37.80
CA CYS A 434 -16.49 -2.21 38.32
C CYS A 434 -17.65 -2.60 37.42
N GLU A 435 -18.78 -2.95 38.03
CA GLU A 435 -19.93 -3.45 37.31
C GLU A 435 -21.15 -2.60 37.62
N PRO A 436 -21.47 -1.63 36.71
CA PRO A 436 -22.44 -0.60 37.02
C PRO A 436 -23.85 -1.09 37.16
N SER A 437 -24.16 -2.26 36.57
CA SER A 437 -25.53 -2.76 36.66
C SER A 437 -25.90 -3.16 38.10
N PHE A 438 -24.90 -3.29 38.99
CA PHE A 438 -25.11 -3.71 40.36
C PHE A 438 -25.29 -2.53 41.33
N PHE A 439 -25.11 -1.28 40.89
CA PHE A 439 -25.17 -0.13 41.79
C PHE A 439 -26.54 -0.09 42.46
N GLN A 440 -27.58 -0.44 41.70
CA GLN A 440 -28.93 -0.41 42.21
C GLN A 440 -29.09 -1.31 43.43
N HIS A 441 -28.33 -2.42 43.52
CA HIS A 441 -28.39 -3.32 44.67
C HIS A 441 -27.65 -2.77 45.89
N LEU A 442 -27.03 -1.59 45.79
CA LEU A 442 -26.24 -1.02 46.88
C LEU A 442 -26.77 0.34 47.32
N ASN A 443 -28.08 0.58 47.23
CA ASN A 443 -28.52 1.97 47.27
C ASN A 443 -29.60 2.26 48.31
N LYS A 444 -29.44 1.70 49.53
CA LYS A 444 -30.30 2.02 50.67
C LYS A 444 -29.86 1.25 51.91
N ASP A 445 -30.39 1.64 53.08
CA ASP A 445 -29.85 1.27 54.37
C ASP A 445 -29.75 -0.25 54.52
N LYS A 446 -30.85 -0.95 54.20
CA LYS A 446 -30.98 -2.38 54.36
C LYS A 446 -29.89 -3.12 53.59
N ASP A 447 -29.72 -2.68 52.32
CA ASP A 447 -28.77 -3.31 51.40
C ASP A 447 -27.35 -3.08 51.90
N MET A 448 -27.09 -1.93 52.54
CA MET A 448 -25.76 -1.66 53.07
C MET A 448 -25.35 -2.65 54.16
N LEU A 449 -26.28 -3.00 55.05
CA LEU A 449 -25.98 -3.83 56.21
C LEU A 449 -25.26 -5.11 55.76
N LYS A 450 -25.77 -5.73 54.69
CA LYS A 450 -25.25 -6.98 54.16
C LYS A 450 -23.75 -6.93 53.83
N TYR A 451 -23.15 -5.73 53.76
CA TYR A 451 -21.77 -5.58 53.31
C TYR A 451 -20.94 -4.86 54.38
N LYS A 452 -21.31 -5.06 55.66
CA LYS A 452 -20.53 -4.60 56.79
C LYS A 452 -20.59 -3.07 56.89
N VAL A 453 -21.61 -2.48 56.27
CA VAL A 453 -21.79 -1.04 56.27
C VAL A 453 -23.10 -0.74 57.00
N THR A 454 -22.98 -0.04 58.14
CA THR A 454 -24.13 0.32 58.95
C THR A 454 -24.33 1.83 58.88
N CYS A 455 -25.51 2.23 58.42
CA CYS A 455 -25.86 3.63 58.25
C CYS A 455 -26.49 4.17 59.53
N GLN A 456 -25.83 5.13 60.19
CA GLN A 456 -26.44 5.80 61.33
C GLN A 456 -27.42 6.85 60.82
N SER A 457 -26.89 7.79 60.03
CA SER A 457 -27.67 8.80 59.34
C SER A 457 -27.59 8.58 57.82
N SER A 458 -28.58 9.09 57.09
CA SER A 458 -28.55 8.98 55.64
C SER A 458 -29.34 10.11 54.98
N GLU A 459 -29.08 10.25 53.68
CA GLU A 459 -29.69 11.27 52.84
C GLU A 459 -29.47 10.89 51.38
N LEU A 460 -30.28 11.48 50.50
CA LEU A 460 -30.19 11.24 49.07
C LEU A 460 -29.51 12.44 48.41
N ALA A 461 -28.66 12.16 47.42
CA ALA A 461 -28.06 13.21 46.61
C ALA A 461 -28.02 12.72 45.17
N LYS A 462 -28.12 13.70 44.24
CA LYS A 462 -27.98 13.43 42.82
C LYS A 462 -26.54 13.73 42.45
N ASP A 463 -25.69 12.70 42.55
CA ASP A 463 -24.25 12.86 42.45
C ASP A 463 -23.65 11.59 41.86
N ILE A 464 -22.64 11.74 41.00
CA ILE A 464 -21.92 10.57 40.48
C ILE A 464 -21.16 9.86 41.59
N LEU A 465 -20.95 10.49 42.76
CA LEU A 465 -20.00 9.98 43.73
C LEU A 465 -20.64 9.09 44.78
N VAL A 466 -21.95 8.88 44.72
CA VAL A 466 -22.68 8.15 45.75
C VAL A 466 -23.31 6.92 45.11
N PRO A 467 -23.55 5.80 45.84
CA PRO A 467 -23.47 5.76 47.30
C PRO A 467 -22.11 5.98 47.99
N SER A 468 -22.12 6.83 49.03
CA SER A 468 -20.93 7.19 49.78
C SER A 468 -21.11 6.83 51.25
N PHE A 469 -19.98 6.66 51.93
CA PHE A 469 -19.96 6.31 53.34
C PHE A 469 -18.94 7.19 54.04
N ASP A 470 -19.38 7.91 55.09
CA ASP A 470 -18.47 8.59 56.00
C ASP A 470 -18.19 7.66 57.18
N PRO A 471 -16.94 7.14 57.31
CA PRO A 471 -16.64 6.17 58.36
C PRO A 471 -16.42 6.84 59.72
N LYS A 472 -16.15 8.16 59.70
CA LYS A 472 -15.97 8.95 60.90
C LYS A 472 -17.29 8.97 61.68
N ASN A 473 -18.41 9.30 61.02
CA ASN A 473 -19.67 9.48 61.71
C ASN A 473 -20.80 8.64 61.08
N LYS A 474 -20.43 7.52 60.44
CA LYS A 474 -21.35 6.47 59.98
C LYS A 474 -22.52 7.06 59.18
N HIS A 475 -22.22 8.05 58.33
CA HIS A 475 -23.21 8.73 57.50
C HIS A 475 -23.25 8.11 56.07
N CYS A 476 -24.46 7.73 55.62
CA CYS A 476 -24.64 7.18 54.28
C CYS A 476 -25.34 8.18 53.37
N VAL A 477 -24.76 8.46 52.19
CA VAL A 477 -25.40 9.24 51.14
C VAL A 477 -25.72 8.31 49.95
N PHE A 478 -26.99 8.30 49.54
CA PHE A 478 -27.48 7.38 48.53
C PHE A 478 -27.87 8.15 47.27
N GLN A 479 -27.97 7.40 46.17
CA GLN A 479 -28.16 7.97 44.87
C GLN A 479 -29.65 8.28 44.69
N GLY A 480 -29.96 9.52 44.32
CA GLY A 480 -31.33 9.91 44.04
C GLY A 480 -31.66 10.09 42.56
N ASP A 481 -30.65 9.97 41.69
CA ASP A 481 -30.86 9.93 40.25
C ASP A 481 -30.12 8.72 39.68
N LEU A 482 -30.86 7.65 39.38
CA LEU A 482 -30.25 6.37 39.03
C LEU A 482 -29.40 6.48 37.76
N LEU A 483 -29.73 7.42 36.85
CA LEU A 483 -28.86 7.68 35.69
C LEU A 483 -27.47 8.21 36.07
N LEU A 484 -27.21 8.55 37.35
CA LEU A 484 -25.89 9.10 37.70
C LEU A 484 -24.98 8.05 38.33
N PHE A 485 -25.43 6.79 38.50
CA PHE A 485 -24.51 5.76 38.97
C PHE A 485 -23.27 5.76 38.07
N SER A 486 -22.09 5.64 38.71
CA SER A 486 -20.84 5.91 38.03
C SER A 486 -19.68 5.14 38.67
N CYS A 487 -19.06 4.22 37.91
CA CYS A 487 -17.77 3.68 38.27
C CYS A 487 -16.73 4.80 38.40
N ALA A 488 -16.71 5.72 37.43
CA ALA A 488 -15.78 6.85 37.43
C ALA A 488 -16.08 7.81 38.57
N GLY A 489 -15.03 8.45 39.10
CA GLY A 489 -15.23 9.48 40.12
C GLY A 489 -14.73 9.03 41.50
N ALA A 490 -13.86 9.88 42.10
CA ALA A 490 -13.37 9.67 43.46
C ALA A 490 -14.01 10.66 44.45
N HIS A 491 -14.46 10.17 45.61
CA HIS A 491 -14.95 11.08 46.63
C HIS A 491 -13.75 11.73 47.33
N PRO A 492 -13.67 13.07 47.40
CA PRO A 492 -12.54 13.74 48.03
C PRO A 492 -12.42 13.57 49.55
N ARG A 493 -13.49 13.08 50.20
CA ARG A 493 -13.61 13.09 51.66
C ARG A 493 -14.06 11.73 52.18
N HIS A 494 -15.11 11.18 51.55
CA HIS A 494 -15.77 9.96 52.00
C HIS A 494 -15.24 8.74 51.25
N GLN A 495 -15.68 7.56 51.69
CA GLN A 495 -15.50 6.32 50.97
C GLN A 495 -16.66 6.13 50.00
N ARG A 496 -16.40 5.41 48.90
CA ARG A 496 -17.48 5.00 48.01
C ARG A 496 -17.77 3.52 48.20
N VAL A 497 -19.05 3.16 48.10
CA VAL A 497 -19.49 1.78 48.03
C VAL A 497 -19.61 1.42 46.55
N CYS A 498 -18.91 0.34 46.19
CA CYS A 498 -18.50 0.11 44.82
C CYS A 498 -18.85 -1.30 44.41
N PRO A 499 -19.55 -1.48 43.25
CA PRO A 499 -19.89 -2.81 42.76
C PRO A 499 -18.81 -3.35 41.85
N CYS A 500 -18.27 -4.53 42.19
CA CYS A 500 -17.20 -5.17 41.42
C CYS A 500 -17.67 -6.53 40.98
N ARG A 501 -16.98 -7.04 39.95
CA ARG A 501 -17.24 -8.36 39.42
C ARG A 501 -15.90 -8.96 38.99
N ASP A 502 -15.87 -10.29 38.95
CA ASP A 502 -14.77 -11.01 38.33
C ASP A 502 -14.97 -10.97 36.81
N PHE A 503 -13.95 -11.44 36.08
CA PHE A 503 -14.01 -11.69 34.65
C PHE A 503 -13.31 -13.00 34.27
N ILE A 504 -13.73 -13.56 33.13
CA ILE A 504 -13.00 -14.60 32.40
C ILE A 504 -11.63 -14.06 32.01
N LYS A 505 -10.60 -14.92 32.13
CA LYS A 505 -9.23 -14.48 31.90
C LYS A 505 -9.02 -14.21 30.40
N GLY A 506 -8.37 -13.08 30.13
CA GLY A 506 -8.20 -12.52 28.77
C GLY A 506 -9.52 -12.04 28.17
N GLN A 507 -10.56 -11.87 28.98
CA GLN A 507 -11.87 -11.48 28.49
C GLN A 507 -12.60 -10.65 29.56
N VAL A 508 -12.16 -9.39 29.72
CA VAL A 508 -12.57 -8.58 30.86
C VAL A 508 -14.02 -8.16 30.74
N ALA A 509 -14.60 -8.20 29.54
CA ALA A 509 -15.99 -7.83 29.33
C ALA A 509 -17.02 -8.75 30.00
N LEU A 510 -16.64 -9.97 30.37
CA LEU A 510 -17.59 -11.03 30.71
C LEU A 510 -17.21 -11.63 32.07
N CYS A 511 -18.15 -11.65 33.03
CA CYS A 511 -17.92 -12.32 34.30
C CYS A 511 -17.82 -13.83 34.05
N LYS A 512 -17.26 -14.56 35.01
CA LYS A 512 -17.05 -16.00 34.87
C LYS A 512 -18.38 -16.72 34.63
N ASP A 513 -19.48 -16.22 35.21
CA ASP A 513 -20.77 -16.83 35.05
C ASP A 513 -21.64 -16.11 34.01
N CYS A 514 -21.05 -15.43 33.02
CA CYS A 514 -21.83 -14.58 32.11
C CYS A 514 -22.04 -15.17 30.73
N LEU A 515 -21.46 -16.35 30.44
CA LEU A 515 -21.69 -16.96 29.16
C LEU A 515 -23.12 -17.51 29.07
N SER B 1 34.98 -20.03 -11.52
CA SER B 1 34.89 -19.03 -12.61
C SER B 1 33.80 -19.36 -13.63
N LEU B 2 33.13 -20.53 -13.60
CA LEU B 2 31.86 -20.68 -14.33
C LEU B 2 30.72 -20.10 -13.49
N ALA B 3 29.69 -19.57 -14.16
CA ALA B 3 28.51 -19.05 -13.47
C ALA B 3 27.59 -20.23 -13.10
N GLU B 4 27.01 -20.18 -11.90
CA GLU B 4 25.91 -21.05 -11.50
C GLU B 4 24.66 -20.21 -11.17
N ILE B 5 23.49 -20.62 -11.66
CA ILE B 5 22.26 -19.93 -11.33
C ILE B 5 22.08 -19.94 -9.83
N ARG B 6 21.56 -18.83 -9.30
CA ARG B 6 21.14 -18.72 -7.91
C ARG B 6 19.61 -18.92 -7.82
N THR B 7 19.16 -19.46 -6.68
CA THR B 7 17.77 -19.73 -6.42
C THR B 7 17.40 -19.28 -5.01
N ASP B 8 18.19 -18.40 -4.41
CA ASP B 8 17.85 -17.83 -3.13
C ASP B 8 18.35 -16.39 -3.11
N PHE B 9 17.60 -15.48 -2.47
CA PHE B 9 17.83 -14.04 -2.61
C PHE B 9 18.54 -13.40 -1.40
N ASN B 10 18.94 -14.20 -0.39
CA ASN B 10 19.39 -13.61 0.85
C ASN B 10 20.67 -12.80 0.61
N ILE B 11 21.56 -13.33 -0.24
CA ILE B 11 22.77 -12.57 -0.56
C ILE B 11 22.35 -11.28 -1.28
N LEU B 12 21.36 -11.37 -2.20
CA LEU B 12 20.98 -10.19 -2.96
C LEU B 12 20.51 -9.12 -2.00
N TYR B 13 19.64 -9.51 -1.06
CA TYR B 13 19.08 -8.56 -0.10
C TYR B 13 20.18 -7.83 0.68
N SER B 14 21.23 -8.56 1.08
CA SER B 14 22.32 -7.96 1.84
C SER B 14 23.16 -7.01 0.99
N MET B 15 23.12 -7.14 -0.34
CA MET B 15 23.95 -6.30 -1.19
C MET B 15 23.21 -5.00 -1.54
N MET B 16 21.89 -4.96 -1.29
CA MET B 16 21.08 -3.83 -1.73
C MET B 16 20.67 -2.98 -0.53
N LYS B 17 21.57 -2.12 -0.05
CA LYS B 17 21.37 -1.48 1.25
C LYS B 17 21.61 0.03 1.23
N LYS B 18 21.10 0.68 2.28
CA LYS B 18 21.46 2.05 2.66
C LYS B 18 20.82 3.09 1.75
N HIS B 19 19.85 2.69 0.89
CA HIS B 19 19.13 3.66 0.11
C HIS B 19 17.64 3.34 0.17
N GLU B 20 16.81 4.37 0.29
CA GLU B 20 15.38 4.15 0.34
C GLU B 20 14.96 3.36 -0.88
N GLU B 21 15.58 3.68 -2.02
CA GLU B 21 15.15 3.14 -3.30
C GLU B 21 15.36 1.63 -3.33
N PHE B 22 16.41 1.18 -2.63
CA PHE B 22 16.76 -0.23 -2.58
C PHE B 22 15.81 -0.92 -1.62
N ARG B 23 15.33 -0.19 -0.60
CA ARG B 23 14.32 -0.77 0.29
C ARG B 23 13.07 -1.10 -0.51
N TRP B 24 12.66 -0.18 -1.38
CA TRP B 24 11.49 -0.41 -2.21
C TRP B 24 11.75 -1.56 -3.18
N MET B 25 12.96 -1.58 -3.78
CA MET B 25 13.31 -2.68 -4.69
C MET B 25 13.27 -4.02 -3.94
N ARG B 26 13.81 -4.08 -2.70
CA ARG B 26 13.83 -5.34 -1.98
C ARG B 26 12.40 -5.84 -1.77
N LEU B 27 11.47 -4.94 -1.50
CA LEU B 27 10.11 -5.41 -1.25
C LEU B 27 9.49 -5.97 -2.53
N ARG B 28 9.71 -5.30 -3.67
CA ARG B 28 9.16 -5.80 -4.91
C ARG B 28 9.76 -7.18 -5.24
N ILE B 29 11.06 -7.37 -5.00
CA ILE B 29 11.72 -8.66 -5.26
C ILE B 29 11.11 -9.76 -4.38
N ARG B 30 10.87 -9.47 -3.10
CA ARG B 30 10.25 -10.43 -2.20
C ARG B 30 8.86 -10.80 -2.70
N ARG B 31 8.06 -9.83 -3.14
CA ARG B 31 6.78 -10.17 -3.71
C ARG B 31 6.92 -11.10 -4.92
N MET B 32 8.01 -10.93 -5.69
CA MET B 32 8.15 -11.53 -7.02
C MET B 32 9.06 -12.76 -7.00
N ALA B 33 9.64 -13.08 -5.84
CA ALA B 33 10.69 -14.07 -5.67
C ALA B 33 10.32 -15.41 -6.29
N ASP B 34 9.10 -15.88 -6.07
CA ASP B 34 8.78 -17.24 -6.47
C ASP B 34 8.72 -17.30 -7.99
N ALA B 35 8.18 -16.24 -8.59
CA ALA B 35 8.14 -16.11 -10.03
C ALA B 35 9.55 -16.10 -10.63
N TRP B 36 10.43 -15.34 -10.00
CA TRP B 36 11.80 -15.26 -10.48
C TRP B 36 12.47 -16.64 -10.46
N ILE B 37 12.33 -17.35 -9.33
CA ILE B 37 13.06 -18.59 -9.10
C ILE B 37 12.56 -19.64 -10.08
N GLN B 38 11.24 -19.75 -10.26
CA GLN B 38 10.67 -20.67 -11.25
C GLN B 38 11.20 -20.34 -12.65
N ALA B 39 11.39 -19.05 -12.95
CA ALA B 39 11.74 -18.68 -14.31
C ALA B 39 13.21 -19.05 -14.58
N ILE B 40 14.11 -18.85 -13.61
CA ILE B 40 15.50 -19.15 -13.86
C ILE B 40 15.66 -20.67 -14.02
N LYS B 41 14.96 -21.47 -13.21
CA LYS B 41 15.00 -22.94 -13.31
C LYS B 41 14.42 -23.38 -14.65
N SER B 42 13.29 -22.78 -15.03
CA SER B 42 12.62 -23.12 -16.29
C SER B 42 13.51 -22.80 -17.49
N LEU B 43 14.23 -21.66 -17.46
CA LEU B 43 15.14 -21.28 -18.53
C LEU B 43 16.32 -22.26 -18.68
N ALA B 44 16.93 -22.61 -17.55
CA ALA B 44 18.06 -23.52 -17.50
C ALA B 44 17.69 -24.93 -17.95
N GLU B 45 16.40 -25.29 -17.88
CA GLU B 45 15.90 -26.58 -18.32
C GLU B 45 15.68 -26.61 -19.83
N LYS B 46 15.33 -25.46 -20.42
CA LYS B 46 14.91 -25.39 -21.81
C LYS B 46 16.07 -25.03 -22.72
N GLN B 47 17.13 -24.48 -22.12
CA GLN B 47 18.09 -23.73 -22.91
C GLN B 47 19.43 -23.85 -22.19
N ASN B 48 20.52 -23.98 -22.97
CA ASN B 48 21.78 -24.37 -22.39
C ASN B 48 22.45 -23.18 -21.70
N LEU B 49 22.52 -23.21 -20.37
CA LEU B 49 23.06 -22.17 -19.53
C LEU B 49 24.30 -22.68 -18.81
N GLU B 50 24.76 -23.87 -19.23
CA GLU B 50 26.01 -24.43 -18.75
C GLU B 50 27.20 -23.72 -19.41
N LYS B 51 28.31 -23.65 -18.69
CA LYS B 51 29.60 -23.26 -19.21
C LYS B 51 29.62 -21.76 -19.56
N ARG B 52 28.82 -20.97 -18.88
CA ARG B 52 28.94 -19.52 -18.99
C ARG B 52 30.02 -19.09 -18.02
N LYS B 53 30.90 -18.18 -18.43
CA LYS B 53 31.85 -17.58 -17.52
C LYS B 53 31.11 -16.63 -16.58
N ARG B 54 31.44 -16.71 -15.30
CA ARG B 54 30.99 -15.80 -14.27
C ARG B 54 31.64 -14.44 -14.52
N LYS B 55 30.85 -13.38 -14.67
CA LYS B 55 31.41 -12.06 -14.96
C LYS B 55 31.33 -11.19 -13.72
N LYS B 56 32.38 -10.38 -13.54
CA LYS B 56 32.38 -9.30 -12.60
C LYS B 56 31.74 -8.06 -13.23
N VAL B 57 30.65 -7.60 -12.64
CA VAL B 57 29.80 -6.62 -13.28
C VAL B 57 29.66 -5.44 -12.33
N LEU B 58 29.99 -4.25 -12.82
CA LEU B 58 29.67 -3.03 -12.12
C LEU B 58 28.27 -2.60 -12.52
N VAL B 59 27.47 -2.28 -11.51
CA VAL B 59 26.15 -1.72 -11.67
C VAL B 59 26.16 -0.41 -10.94
N HIS B 60 26.25 0.70 -11.68
CA HIS B 60 26.33 2.03 -11.06
C HIS B 60 25.05 2.80 -11.29
N LEU B 61 24.31 3.04 -10.20
CA LEU B 61 23.06 3.76 -10.30
C LEU B 61 23.31 5.23 -9.96
N GLY B 62 23.56 6.00 -11.02
CA GLY B 62 23.80 7.43 -10.89
C GLY B 62 22.57 8.11 -10.29
N LEU B 63 21.41 7.62 -10.68
CA LEU B 63 20.11 8.03 -10.18
C LEU B 63 20.11 8.15 -8.65
N LEU B 64 20.75 7.24 -7.91
CA LEU B 64 20.65 7.23 -6.45
C LEU B 64 21.77 8.02 -5.75
N THR B 65 22.71 8.59 -6.50
CA THR B 65 23.78 9.39 -5.90
C THR B 65 23.23 10.75 -5.45
N LYS B 66 23.78 11.29 -4.36
CA LYS B 66 23.48 12.65 -3.91
C LYS B 66 23.78 13.67 -4.99
N GLU B 67 24.94 13.49 -5.67
CA GLU B 67 25.46 14.44 -6.65
C GLU B 67 24.56 14.53 -7.89
N SER B 68 23.71 13.54 -8.13
CA SER B 68 22.60 13.72 -9.07
C SER B 68 21.65 14.78 -8.51
N LEU B 82 8.55 4.34 -10.04
CA LEU B 82 8.81 4.92 -11.40
C LEU B 82 9.66 3.90 -12.18
N GLY B 83 9.65 4.04 -13.52
CA GLY B 83 10.07 3.00 -14.43
C GLY B 83 11.57 2.68 -14.35
N GLU B 84 12.38 3.71 -14.10
CA GLU B 84 13.82 3.52 -14.05
C GLU B 84 14.16 2.57 -12.90
N LEU B 85 13.51 2.76 -11.75
CA LEU B 85 13.85 2.01 -10.55
C LEU B 85 13.38 0.56 -10.71
N VAL B 86 12.26 0.36 -11.37
CA VAL B 86 11.80 -0.97 -11.71
C VAL B 86 12.83 -1.68 -12.59
N GLN B 87 13.21 -1.04 -13.68
CA GLN B 87 14.19 -1.62 -14.58
C GLN B 87 15.50 -1.96 -13.87
N TRP B 88 16.02 -1.03 -13.07
CA TRP B 88 17.25 -1.32 -12.33
C TRP B 88 17.11 -2.56 -11.48
N SER B 89 16.00 -2.67 -10.73
CA SER B 89 15.75 -3.78 -9.87
C SER B 89 15.72 -5.08 -10.67
N ASP B 90 15.02 -5.09 -11.79
CA ASP B 90 14.86 -6.29 -12.59
C ASP B 90 16.19 -6.68 -13.25
N LEU B 91 17.02 -5.70 -13.61
CA LEU B 91 18.31 -5.99 -14.22
C LEU B 91 19.22 -6.63 -13.18
N ILE B 92 19.32 -5.99 -12.03
CA ILE B 92 20.10 -6.53 -10.91
C ILE B 92 19.64 -7.94 -10.56
N THR B 93 18.33 -8.16 -10.41
CA THR B 93 17.78 -9.46 -10.08
C THR B 93 18.24 -10.47 -11.12
N SER B 94 18.13 -10.11 -12.40
CA SER B 94 18.42 -11.00 -13.51
C SER B 94 19.89 -11.41 -13.46
N LEU B 95 20.75 -10.43 -13.26
CA LEU B 95 22.18 -10.69 -13.22
C LEU B 95 22.52 -11.63 -12.07
N TYR B 96 21.86 -11.44 -10.93
CA TYR B 96 22.13 -12.23 -9.73
C TYR B 96 21.70 -13.69 -9.92
N LEU B 97 20.52 -13.90 -10.53
CA LEU B 97 19.99 -15.24 -10.79
C LEU B 97 20.82 -16.01 -11.80
N LEU B 98 21.41 -15.28 -12.75
CA LEU B 98 22.26 -15.86 -13.76
C LEU B 98 23.63 -16.22 -13.20
N GLY B 99 23.94 -15.76 -11.99
CA GLY B 99 25.12 -16.22 -11.27
C GLY B 99 26.33 -15.30 -11.38
N HIS B 100 26.13 -14.08 -11.89
CA HIS B 100 27.22 -13.15 -12.09
C HIS B 100 27.63 -12.53 -10.75
N ASP B 101 28.85 -12.01 -10.72
CA ASP B 101 29.41 -11.37 -9.54
C ASP B 101 29.25 -9.85 -9.65
N ILE B 102 28.20 -9.35 -8.99
CA ILE B 102 27.71 -7.99 -9.14
C ILE B 102 28.27 -7.12 -8.03
N ARG B 103 28.76 -5.94 -8.44
CA ARG B 103 29.22 -4.92 -7.52
C ARG B 103 28.33 -3.72 -7.72
N ILE B 104 27.48 -3.48 -6.73
CA ILE B 104 26.45 -2.46 -6.83
C ILE B 104 27.04 -1.19 -6.25
N SER B 105 26.87 -0.09 -6.98
CA SER B 105 27.42 1.18 -6.58
C SER B 105 26.33 2.25 -6.68
N ALA B 106 26.21 3.09 -5.66
CA ALA B 106 25.20 4.12 -5.65
C ALA B 106 25.80 5.39 -5.04
N SER B 107 27.11 5.53 -5.19
CA SER B 107 27.90 6.65 -4.71
C SER B 107 29.17 6.75 -5.56
N LEU B 108 29.74 7.96 -5.62
CA LEU B 108 31.02 8.18 -6.28
C LEU B 108 32.09 7.34 -5.60
N ALA B 109 32.06 7.29 -4.26
CA ALA B 109 33.08 6.56 -3.51
C ALA B 109 33.04 5.07 -3.87
N GLU B 110 31.83 4.50 -3.99
CA GLU B 110 31.73 3.08 -4.36
C GLU B 110 32.22 2.85 -5.79
N LEU B 111 31.86 3.79 -6.69
CA LEU B 111 32.26 3.72 -8.08
C LEU B 111 33.79 3.66 -8.17
N LYS B 112 34.43 4.61 -7.46
CA LYS B 112 35.89 4.73 -7.42
C LYS B 112 36.51 3.41 -6.97
N GLU B 113 35.96 2.80 -5.91
CA GLU B 113 36.59 1.65 -5.31
C GLU B 113 36.49 0.43 -6.22
N ILE B 114 35.31 0.23 -6.81
CA ILE B 114 35.07 -0.99 -7.58
C ILE B 114 35.94 -0.95 -8.83
N MET B 115 36.08 0.24 -9.42
CA MET B 115 36.83 0.39 -10.66
C MET B 115 38.33 0.38 -10.32
N GLY B 116 38.66 1.06 -9.22
CA GLY B 116 39.99 1.05 -8.65
C GLY B 116 40.51 -0.36 -8.32
N GLY B 117 39.61 -1.36 -8.26
CA GLY B 117 39.97 -2.73 -7.92
C GLY B 117 40.24 -3.64 -9.11
N GLY B 118 39.93 -3.22 -10.34
CA GLY B 118 40.28 -4.00 -11.53
C GLY B 118 39.38 -5.22 -11.75
N GLY B 119 39.52 -5.84 -12.92
CA GLY B 119 38.81 -7.05 -13.28
C GLY B 119 37.33 -6.88 -13.66
N VAL B 120 36.83 -5.63 -13.79
CA VAL B 120 35.44 -5.41 -14.19
C VAL B 120 35.30 -5.77 -15.66
N GLU B 121 34.25 -6.52 -16.05
CA GLU B 121 34.13 -7.02 -17.42
C GLU B 121 32.90 -6.48 -18.13
N LEU B 122 31.97 -5.90 -17.36
CA LEU B 122 30.75 -5.38 -17.89
C LEU B 122 30.29 -4.28 -16.96
N ILE B 123 29.81 -3.16 -17.53
CA ILE B 123 29.38 -2.00 -16.77
C ILE B 123 27.97 -1.61 -17.18
N TYR B 124 27.03 -1.71 -16.23
CA TYR B 124 25.66 -1.21 -16.38
C TYR B 124 25.54 0.14 -15.66
N ILE B 125 25.10 1.15 -16.36
CA ILE B 125 25.16 2.51 -15.83
C ILE B 125 24.06 3.32 -16.51
N ASP B 126 23.56 4.34 -15.80
CA ASP B 126 22.62 5.26 -16.42
C ASP B 126 23.38 6.46 -16.99
N ILE B 127 22.63 7.37 -17.63
CA ILE B 127 23.22 8.52 -18.29
C ILE B 127 23.87 9.44 -17.28
N VAL B 128 23.22 9.69 -16.14
CA VAL B 128 23.80 10.57 -15.13
C VAL B 128 25.03 9.86 -14.55
N GLY B 129 24.96 8.55 -14.39
CA GLY B 129 26.09 7.79 -13.92
C GLY B 129 27.26 7.81 -14.91
N LEU B 130 26.97 7.86 -16.21
CA LEU B 130 28.03 7.87 -17.21
C LEU B 130 28.85 9.15 -17.13
N ALA B 131 28.20 10.32 -16.92
CA ALA B 131 28.98 11.55 -16.71
C ALA B 131 29.89 11.42 -15.48
N GLN B 132 29.37 10.75 -14.44
CA GLN B 132 30.10 10.52 -13.22
C GLN B 132 31.28 9.59 -13.45
N PHE B 133 31.08 8.57 -14.29
CA PHE B 133 32.15 7.66 -14.64
C PHE B 133 33.33 8.38 -15.31
N LYS B 134 33.02 9.19 -16.33
CA LYS B 134 34.01 9.93 -17.08
C LYS B 134 34.80 10.87 -16.14
N LYS B 135 34.10 11.56 -15.26
CA LYS B 135 34.72 12.47 -14.30
C LYS B 135 35.56 11.73 -13.27
N THR B 136 35.03 10.64 -12.70
CA THR B 136 35.71 9.94 -11.64
C THR B 136 36.98 9.27 -12.16
N LEU B 137 36.90 8.65 -13.35
CA LEU B 137 38.00 7.85 -13.89
C LEU B 137 39.05 8.71 -14.59
N GLY B 138 38.61 9.84 -15.14
CA GLY B 138 39.48 10.72 -15.90
C GLY B 138 39.60 10.22 -17.33
N PRO B 139 40.69 10.61 -18.04
CA PRO B 139 40.83 10.32 -19.47
C PRO B 139 40.74 8.83 -19.77
N SER B 140 41.21 8.00 -18.85
CA SER B 140 41.18 6.57 -19.12
C SER B 140 39.75 5.99 -19.05
N TRP B 141 38.71 6.79 -18.77
CA TRP B 141 37.37 6.22 -18.85
C TRP B 141 37.14 5.54 -20.22
N VAL B 142 37.76 6.10 -21.28
CA VAL B 142 37.53 5.63 -22.64
C VAL B 142 38.07 4.23 -22.81
N HIS B 143 38.99 3.82 -21.95
CA HIS B 143 39.52 2.47 -21.98
C HIS B 143 38.46 1.42 -21.62
N TYR B 144 37.32 1.82 -21.04
CA TYR B 144 36.29 0.89 -20.61
C TYR B 144 35.04 1.01 -21.49
N GLN B 145 35.12 1.81 -22.55
CA GLN B 145 33.96 2.19 -23.34
C GLN B 145 33.13 1.00 -23.81
N CYS B 146 33.81 -0.05 -24.30
CA CYS B 146 33.14 -1.13 -25.02
C CYS B 146 32.38 -2.04 -24.06
N MET B 147 32.66 -1.88 -22.75
CA MET B 147 32.05 -2.65 -21.71
C MET B 147 30.77 -1.99 -21.19
N LEU B 148 30.51 -0.74 -21.56
CA LEU B 148 29.35 0.00 -21.05
C LEU B 148 28.07 -0.55 -21.66
N ARG B 149 27.08 -0.64 -20.80
CA ARG B 149 25.70 -0.82 -21.17
C ARG B 149 24.89 0.26 -20.44
N VAL B 150 24.27 1.12 -21.22
CA VAL B 150 23.83 2.42 -20.71
C VAL B 150 22.32 2.45 -20.73
N LEU B 151 21.71 2.35 -19.55
CA LEU B 151 20.28 2.36 -19.41
C LEU B 151 19.81 3.75 -19.71
N ASP B 152 19.02 3.85 -20.78
CA ASP B 152 18.59 5.12 -21.32
C ASP B 152 17.17 4.97 -21.84
N SER B 153 16.18 5.35 -21.01
CA SER B 153 14.81 4.96 -21.27
C SER B 153 14.39 5.27 -22.69
N PHE B 154 14.50 6.56 -23.06
CA PHE B 154 13.88 7.05 -24.27
C PHE B 154 14.77 6.85 -25.49
N GLY B 155 16.02 6.42 -25.29
CA GLY B 155 16.84 6.04 -26.41
C GLY B 155 17.67 7.21 -26.96
N THR B 156 18.79 6.86 -27.63
CA THR B 156 19.69 7.80 -28.27
C THR B 156 19.93 7.38 -29.71
N GLU B 157 19.60 8.27 -30.64
CA GLU B 157 19.73 7.98 -32.06
C GLU B 157 21.13 8.28 -32.53
N PRO B 158 21.66 7.55 -33.53
CA PRO B 158 23.05 7.73 -33.99
C PRO B 158 23.45 9.17 -34.28
N GLU B 159 22.50 9.92 -34.83
CA GLU B 159 22.69 11.31 -35.20
C GLU B 159 23.08 12.15 -33.99
N PHE B 160 22.62 11.79 -32.78
CA PHE B 160 22.94 12.58 -31.59
C PHE B 160 24.12 12.00 -30.83
N ASN B 161 24.34 10.70 -30.98
CA ASN B 161 25.40 10.00 -30.27
C ASN B 161 26.78 10.44 -30.78
N HIS B 162 26.83 10.75 -32.09
CA HIS B 162 28.05 11.18 -32.75
C HIS B 162 28.23 12.68 -32.51
N ALA B 163 29.17 13.02 -31.61
CA ALA B 163 29.30 14.38 -31.12
C ALA B 163 29.50 15.38 -32.27
N ASN B 164 30.40 15.09 -33.22
CA ASN B 164 30.74 16.09 -34.23
C ASN B 164 29.60 16.21 -35.24
N TYR B 165 28.98 15.09 -35.60
CA TYR B 165 27.87 15.14 -36.54
C TYR B 165 26.71 15.93 -35.94
N ALA B 166 26.41 15.66 -34.66
CA ALA B 166 25.33 16.33 -33.96
C ALA B 166 25.52 17.84 -34.05
N GLN B 167 26.76 18.28 -33.77
CA GLN B 167 27.11 19.70 -33.86
C GLN B 167 26.96 20.21 -35.30
N SER B 168 27.36 19.40 -36.28
CA SER B 168 27.29 19.78 -37.67
C SER B 168 25.85 19.93 -38.11
N LYS B 169 24.95 19.20 -37.46
CA LYS B 169 23.53 19.24 -37.80
C LYS B 169 22.84 20.36 -37.01
N GLY B 170 23.60 21.07 -36.16
CA GLY B 170 23.03 22.20 -35.43
C GLY B 170 22.21 21.81 -34.20
N HIS B 171 22.29 20.54 -33.77
CA HIS B 171 21.68 20.11 -32.52
C HIS B 171 22.33 20.85 -31.35
N LYS B 172 21.49 21.35 -30.45
CA LYS B 172 21.91 22.19 -29.35
C LYS B 172 21.38 21.52 -28.10
N THR B 173 21.76 20.25 -27.91
CA THR B 173 21.37 19.51 -26.72
C THR B 173 22.60 19.20 -25.89
N PRO B 174 22.51 19.13 -24.54
CA PRO B 174 23.61 18.63 -23.72
C PRO B 174 23.71 17.10 -23.75
N TRP B 175 22.68 16.41 -24.26
CA TRP B 175 22.66 14.95 -24.23
C TRP B 175 23.29 14.36 -25.49
N GLY B 176 23.48 13.04 -25.48
CA GLY B 176 24.16 12.39 -26.56
C GLY B 176 25.66 12.65 -26.47
N LYS B 177 26.31 12.61 -27.64
CA LYS B 177 27.72 12.89 -27.81
C LYS B 177 28.65 11.90 -27.09
N TRP B 178 28.23 10.66 -26.74
CA TRP B 178 29.13 9.74 -26.06
C TRP B 178 29.98 8.94 -27.05
N ASN B 179 29.67 9.03 -28.36
CA ASN B 179 30.42 8.35 -29.41
C ASN B 179 30.49 6.84 -29.14
N LEU B 180 29.42 6.24 -28.61
CA LEU B 180 29.38 4.81 -28.36
C LEU B 180 28.86 4.10 -29.61
N ASN B 181 28.94 2.77 -29.59
CA ASN B 181 28.16 1.99 -30.51
C ASN B 181 26.72 2.11 -30.03
N PRO B 182 25.78 2.63 -30.82
CA PRO B 182 24.45 2.93 -30.29
C PRO B 182 23.70 1.71 -29.72
N GLN B 183 24.15 0.49 -30.04
CA GLN B 183 23.57 -0.69 -29.46
C GLN B 183 23.93 -0.82 -27.98
N GLN B 184 24.87 0.00 -27.49
CA GLN B 184 25.22 -0.02 -26.07
C GLN B 184 24.19 0.71 -25.20
N PHE B 185 23.30 1.52 -25.82
CA PHE B 185 22.14 2.11 -25.11
C PHE B 185 21.00 1.11 -24.98
N TYR B 186 20.51 0.96 -23.72
CA TYR B 186 19.53 0.00 -23.29
C TYR B 186 18.22 0.73 -22.97
N THR B 187 17.14 0.45 -23.72
CA THR B 187 15.92 1.24 -23.64
C THR B 187 14.82 0.54 -22.86
N MET B 188 13.75 1.32 -22.55
CA MET B 188 12.68 0.86 -21.69
C MET B 188 11.70 -0.01 -22.49
N PHE B 189 11.49 0.39 -23.73
CA PHE B 189 10.61 -0.32 -24.66
C PHE B 189 11.36 -0.43 -25.98
N PRO B 190 11.01 -1.40 -26.85
CA PRO B 190 11.71 -1.56 -28.13
C PRO B 190 11.21 -0.58 -29.17
N HIS B 191 11.52 0.72 -28.96
CA HIS B 191 11.10 1.78 -29.86
C HIS B 191 12.22 2.25 -30.78
N THR B 192 13.46 1.85 -30.51
CA THR B 192 14.62 2.44 -31.15
C THR B 192 15.60 1.33 -31.51
N PRO B 193 15.48 0.72 -32.72
CA PRO B 193 16.28 -0.46 -33.06
C PRO B 193 17.76 -0.13 -33.20
N ASP B 194 18.13 1.17 -33.26
CA ASP B 194 19.52 1.56 -33.16
C ASP B 194 20.10 1.14 -31.81
N ASN B 195 19.22 1.01 -30.81
CA ASN B 195 19.62 0.67 -29.43
C ASN B 195 19.22 -0.77 -29.15
N SER B 196 19.60 -1.27 -27.96
CA SER B 196 19.09 -2.54 -27.47
C SER B 196 17.88 -2.29 -26.56
N PHE B 197 16.87 -3.14 -26.67
CA PHE B 197 15.78 -3.13 -25.73
C PHE B 197 16.15 -3.91 -24.45
N LEU B 198 16.09 -3.24 -23.29
CA LEU B 198 16.26 -3.89 -22.00
C LEU B 198 14.93 -4.26 -21.40
N GLY B 199 14.08 -3.25 -21.18
CA GLY B 199 12.78 -3.43 -20.55
C GLY B 199 12.90 -3.76 -19.08
N PHE B 200 11.97 -4.59 -18.60
CA PHE B 200 11.72 -4.88 -17.21
C PHE B 200 10.68 -6.00 -17.15
N VAL B 201 10.27 -6.38 -15.96
CA VAL B 201 9.26 -7.40 -15.77
C VAL B 201 8.01 -6.73 -15.21
N VAL B 202 6.88 -7.17 -15.73
CA VAL B 202 5.62 -6.68 -15.20
C VAL B 202 5.17 -7.52 -14.01
N GLU B 203 4.96 -6.89 -12.85
CA GLU B 203 4.47 -7.58 -11.66
C GLU B 203 3.03 -8.01 -11.89
N GLN B 204 2.70 -9.26 -11.51
CA GLN B 204 1.33 -9.74 -11.58
C GLN B 204 1.06 -10.67 -10.40
N HIS B 205 -0.07 -10.46 -9.72
CA HIS B 205 -0.42 -11.27 -8.55
C HIS B 205 -1.84 -11.78 -8.69
N LEU B 206 -2.00 -12.83 -9.50
CA LEU B 206 -3.30 -13.42 -9.80
C LEU B 206 -3.11 -14.92 -10.04
N ASP B 210 -8.91 -16.99 -10.25
CA ASP B 210 -8.65 -15.52 -10.28
C ASP B 210 -8.57 -15.09 -11.75
N ILE B 211 -7.53 -15.59 -12.44
CA ILE B 211 -7.29 -15.39 -13.86
C ILE B 211 -8.41 -16.02 -14.70
N HIS B 212 -9.13 -17.00 -14.13
CA HIS B 212 -10.27 -17.64 -14.80
C HIS B 212 -11.57 -16.86 -14.53
N HIS B 213 -11.88 -16.65 -13.24
CA HIS B 213 -13.07 -15.93 -12.81
C HIS B 213 -12.93 -14.41 -12.98
N ILE B 214 -11.88 -13.93 -13.65
CA ILE B 214 -11.54 -12.51 -13.61
C ILE B 214 -12.76 -11.66 -13.96
N ASN B 215 -13.56 -12.12 -14.92
CA ASN B 215 -14.75 -11.40 -15.37
C ASN B 215 -15.80 -11.36 -14.27
N GLU B 216 -15.83 -12.35 -13.38
CA GLU B 216 -16.66 -12.28 -12.19
C GLU B 216 -16.07 -11.29 -11.19
N ILE B 217 -14.75 -11.34 -10.96
CA ILE B 217 -14.07 -10.50 -9.98
C ILE B 217 -14.19 -9.01 -10.33
N LYS B 218 -14.19 -8.70 -11.62
CA LYS B 218 -14.13 -7.31 -12.01
C LYS B 218 -15.47 -6.64 -11.76
N ARG B 219 -15.39 -5.42 -11.19
CA ARG B 219 -16.54 -4.54 -11.13
C ARG B 219 -16.67 -3.86 -12.50
N GLN B 220 -17.73 -4.23 -13.22
CA GLN B 220 -17.78 -4.03 -14.65
C GLN B 220 -17.69 -2.55 -15.00
N ASN B 221 -18.14 -1.72 -14.08
CA ASN B 221 -18.26 -0.29 -14.37
C ASN B 221 -17.20 0.51 -13.61
N GLN B 222 -16.08 -0.12 -13.23
CA GLN B 222 -15.07 0.60 -12.47
C GLN B 222 -13.87 0.96 -13.34
N SER B 223 -13.59 2.25 -13.43
CA SER B 223 -12.42 2.79 -14.10
C SER B 223 -11.50 3.44 -13.07
N LEU B 224 -10.21 3.35 -13.38
CA LEU B 224 -9.15 3.96 -12.60
C LEU B 224 -8.31 4.81 -13.52
N VAL B 225 -8.16 6.09 -13.17
CA VAL B 225 -7.34 7.00 -13.93
C VAL B 225 -5.87 6.84 -13.58
N TYR B 226 -5.07 6.83 -14.64
CA TYR B 226 -3.63 6.82 -14.54
C TYR B 226 -3.15 8.25 -14.42
N GLY B 227 -2.50 8.56 -13.29
CA GLY B 227 -2.00 9.91 -13.09
C GLY B 227 -2.09 10.36 -11.64
N LYS B 228 -0.93 10.34 -10.98
CA LYS B 228 -0.84 10.60 -9.55
C LYS B 228 -0.79 12.10 -9.26
N VAL B 229 -0.50 12.90 -10.30
CA VAL B 229 -0.24 14.33 -10.13
C VAL B 229 -1.45 15.11 -10.68
N ASP B 230 -1.94 16.06 -9.90
CA ASP B 230 -3.14 16.85 -10.22
C ASP B 230 -2.95 17.56 -11.57
N SER B 231 -1.73 18.04 -11.83
CA SER B 231 -1.43 18.78 -13.05
C SER B 231 -1.69 17.95 -14.30
N PHE B 232 -1.51 16.62 -14.20
CA PHE B 232 -1.74 15.74 -15.35
C PHE B 232 -3.21 15.74 -15.75
N TRP B 233 -4.11 16.06 -14.80
CA TRP B 233 -5.53 16.05 -15.09
C TRP B 233 -6.03 17.36 -15.73
N LYS B 234 -5.14 18.33 -15.97
CA LYS B 234 -5.53 19.61 -16.54
C LYS B 234 -6.18 19.41 -17.91
N ASN B 235 -7.44 19.86 -18.05
CA ASN B 235 -8.17 19.92 -19.31
C ASN B 235 -8.71 18.57 -19.75
N LYS B 236 -9.03 17.65 -18.82
CA LYS B 236 -9.49 16.33 -19.24
C LYS B 236 -10.94 16.12 -18.84
N LYS B 237 -11.60 17.19 -18.36
CA LYS B 237 -12.93 17.06 -17.77
C LYS B 237 -13.90 16.42 -18.77
N ILE B 238 -13.93 16.92 -20.00
CA ILE B 238 -14.87 16.44 -21.00
C ILE B 238 -14.66 14.95 -21.25
N TYR B 239 -13.40 14.57 -21.49
CA TYR B 239 -12.98 13.18 -21.60
C TYR B 239 -13.49 12.37 -20.39
N LEU B 240 -13.19 12.84 -19.17
CA LEU B 240 -13.61 12.10 -18.00
C LEU B 240 -15.14 12.01 -17.93
N ASP B 241 -15.88 13.08 -18.30
CA ASP B 241 -17.34 13.08 -18.25
C ASP B 241 -17.89 11.98 -19.13
N ILE B 242 -17.27 11.78 -20.29
CA ILE B 242 -17.71 10.73 -21.18
C ILE B 242 -17.53 9.39 -20.50
N ILE B 243 -16.34 9.21 -19.92
CA ILE B 243 -16.07 7.95 -19.24
C ILE B 243 -17.11 7.80 -18.14
N HIS B 244 -17.37 8.88 -17.40
CA HIS B 244 -18.25 8.83 -16.22
C HIS B 244 -19.72 8.56 -16.59
N THR B 245 -20.09 8.76 -17.87
CA THR B 245 -21.42 8.41 -18.36
C THR B 245 -21.66 6.92 -18.18
N TYR B 246 -20.61 6.09 -18.31
CA TYR B 246 -20.75 4.63 -18.22
C TYR B 246 -20.11 4.03 -16.98
N MET B 247 -19.19 4.73 -16.31
CA MET B 247 -18.33 4.08 -15.34
C MET B 247 -18.08 4.99 -14.15
N GLU B 248 -17.97 4.37 -12.97
CA GLU B 248 -17.33 5.06 -11.86
C GLU B 248 -15.90 5.37 -12.25
N VAL B 249 -15.42 6.56 -11.85
CA VAL B 249 -14.07 7.00 -12.06
C VAL B 249 -13.34 7.10 -10.71
N HIS B 250 -12.28 6.29 -10.57
CA HIS B 250 -11.44 6.27 -9.38
C HIS B 250 -10.09 6.91 -9.71
N ALA B 251 -9.35 7.26 -8.66
CA ALA B 251 -8.04 7.90 -8.80
C ALA B 251 -7.15 7.59 -7.61
N THR B 252 -5.84 7.83 -7.80
CA THR B 252 -4.83 7.73 -6.75
C THR B 252 -3.95 8.98 -6.82
N VAL B 253 -4.52 10.11 -6.39
CA VAL B 253 -3.89 11.39 -6.62
C VAL B 253 -3.38 11.90 -5.28
N TYR B 254 -2.09 12.24 -5.24
CA TYR B 254 -1.44 12.83 -4.09
C TYR B 254 -1.71 14.33 -4.10
N THR B 258 -5.98 19.21 -5.23
CA THR B 258 -6.79 18.32 -6.12
C THR B 258 -7.81 19.10 -6.93
N LYS B 259 -7.43 20.28 -7.44
CA LYS B 259 -8.45 21.17 -7.98
C LYS B 259 -8.62 20.95 -9.48
N ASN B 260 -7.97 19.92 -10.05
CA ASN B 260 -8.24 19.50 -11.43
C ASN B 260 -9.07 18.22 -11.49
N ILE B 261 -9.52 17.72 -10.33
CA ILE B 261 -10.17 16.43 -10.27
C ILE B 261 -11.68 16.65 -10.14
N PRO B 262 -12.51 16.19 -11.08
CA PRO B 262 -13.96 16.32 -10.95
C PRO B 262 -14.47 15.77 -9.61
N SER B 263 -15.62 16.31 -9.17
CA SER B 263 -16.17 16.02 -7.86
C SER B 263 -16.62 14.57 -7.75
N TYR B 264 -17.02 13.97 -8.88
CA TYR B 264 -17.47 12.59 -8.88
C TYR B 264 -16.28 11.62 -8.76
N VAL B 265 -15.03 12.07 -8.80
CA VAL B 265 -13.92 11.11 -8.76
C VAL B 265 -13.80 10.54 -7.35
N LYS B 266 -13.65 9.22 -7.26
CA LYS B 266 -13.34 8.56 -6.02
C LYS B 266 -11.83 8.48 -5.85
N ASN B 267 -11.27 9.48 -5.14
CA ASN B 267 -9.83 9.60 -4.95
C ASN B 267 -9.40 8.82 -3.71
N HIS B 268 -8.66 7.74 -3.95
CA HIS B 268 -8.13 6.91 -2.88
C HIS B 268 -6.84 7.49 -2.29
N GLY B 269 -6.22 8.48 -2.97
CA GLY B 269 -4.93 9.01 -2.59
C GLY B 269 -3.80 8.04 -2.87
N ILE B 270 -2.74 8.18 -2.04
CA ILE B 270 -1.60 7.29 -1.97
C ILE B 270 -2.06 5.92 -1.48
N LEU B 271 -1.80 4.87 -2.26
CA LEU B 271 -2.09 3.53 -1.84
C LEU B 271 -0.79 2.76 -1.84
N SER B 272 -0.65 1.87 -0.85
CA SER B 272 0.37 0.85 -0.84
C SER B 272 0.35 0.07 -2.14
N GLY B 273 1.47 -0.57 -2.46
CA GLY B 273 1.51 -1.53 -3.56
C GLY B 273 0.45 -2.63 -3.40
N ARG B 274 0.23 -3.16 -2.19
CA ARG B 274 -0.73 -4.24 -2.03
C ARG B 274 -2.15 -3.74 -2.20
N ASP B 275 -2.45 -2.53 -1.72
CA ASP B 275 -3.77 -2.00 -1.88
C ASP B 275 -4.00 -1.67 -3.36
N LEU B 276 -2.96 -1.22 -4.05
CA LEU B 276 -3.08 -0.89 -5.45
C LEU B 276 -3.42 -2.15 -6.24
N GLN B 277 -2.79 -3.26 -5.92
CA GLN B 277 -2.98 -4.48 -6.67
C GLN B 277 -4.43 -4.92 -6.49
N PHE B 278 -4.98 -4.72 -5.29
CA PHE B 278 -6.37 -5.08 -5.05
C PHE B 278 -7.26 -4.25 -5.95
N LEU B 279 -7.06 -2.93 -5.92
CA LEU B 279 -7.86 -2.00 -6.73
C LEU B 279 -7.79 -2.38 -8.21
N LEU B 280 -6.61 -2.73 -8.71
CA LEU B 280 -6.49 -3.10 -10.10
C LEU B 280 -7.22 -4.40 -10.43
N ARG B 281 -7.15 -5.37 -9.50
CA ARG B 281 -7.87 -6.63 -9.62
C ARG B 281 -9.33 -6.37 -9.98
N GLU B 282 -9.94 -5.36 -9.33
CA GLU B 282 -11.37 -5.12 -9.48
C GLU B 282 -11.69 -4.14 -10.60
N THR B 283 -10.67 -3.58 -11.27
CA THR B 283 -10.87 -2.46 -12.19
C THR B 283 -11.03 -3.01 -13.61
N LYS B 284 -12.04 -2.51 -14.32
CA LYS B 284 -12.33 -2.89 -15.71
C LYS B 284 -11.46 -2.08 -16.66
N LEU B 285 -11.24 -0.79 -16.37
CA LEU B 285 -10.57 0.10 -17.32
C LEU B 285 -9.58 1.02 -16.61
N PHE B 286 -8.32 1.00 -17.05
CA PHE B 286 -7.30 1.96 -16.63
C PHE B 286 -7.29 3.06 -17.68
N VAL B 287 -7.46 4.31 -17.25
CA VAL B 287 -7.62 5.45 -18.16
C VAL B 287 -6.37 6.33 -18.24
N GLY B 288 -5.80 6.43 -19.44
CA GLY B 288 -4.67 7.29 -19.68
C GLY B 288 -5.14 8.71 -19.96
N LEU B 289 -4.38 9.69 -19.46
CA LEU B 289 -4.67 11.11 -19.68
C LEU B 289 -3.80 11.72 -20.77
N GLY B 290 -2.69 11.05 -21.14
CA GLY B 290 -1.78 11.61 -22.10
C GLY B 290 -0.35 11.68 -21.58
N PHE B 291 -0.22 11.69 -20.25
CA PHE B 291 1.08 11.82 -19.61
C PHE B 291 0.95 11.09 -18.27
N PRO B 292 1.94 10.34 -17.77
CA PRO B 292 3.26 10.19 -18.38
C PRO B 292 3.37 9.26 -19.59
N TYR B 293 4.45 9.47 -20.35
CA TYR B 293 4.67 8.73 -21.58
C TYR B 293 5.37 7.39 -21.28
N GLU B 294 4.92 6.31 -21.90
CA GLU B 294 5.63 5.03 -21.93
C GLU B 294 6.15 4.58 -20.58
N GLY B 295 5.29 4.45 -19.59
CA GLY B 295 5.80 3.93 -18.33
C GLY B 295 5.50 2.44 -18.18
N PRO B 296 5.79 1.84 -17.00
CA PRO B 296 5.32 0.49 -16.70
C PRO B 296 3.83 0.34 -16.40
N ALA B 297 3.19 1.38 -15.88
CA ALA B 297 1.91 1.25 -15.23
C ALA B 297 0.83 0.74 -16.18
N PRO B 298 0.71 1.13 -17.48
CA PRO B 298 -0.36 0.52 -18.28
C PRO B 298 -0.15 -0.99 -18.43
N LEU B 299 1.09 -1.50 -18.52
CA LEU B 299 1.33 -2.94 -18.66
C LEU B 299 0.92 -3.65 -17.38
N GLU B 300 1.14 -3.01 -16.22
CA GLU B 300 0.77 -3.61 -14.95
C GLU B 300 -0.77 -3.73 -14.89
N ALA B 301 -1.50 -2.73 -15.41
CA ALA B 301 -2.95 -2.82 -15.41
C ALA B 301 -3.44 -3.92 -16.35
N ILE B 302 -2.84 -4.05 -17.51
CA ILE B 302 -3.20 -5.08 -18.49
C ILE B 302 -2.89 -6.48 -17.93
N ALA B 303 -1.84 -6.58 -17.16
CA ALA B 303 -1.44 -7.84 -16.53
C ALA B 303 -2.45 -8.24 -15.47
N ASN B 304 -3.26 -7.28 -15.00
CA ASN B 304 -4.32 -7.52 -14.04
C ASN B 304 -5.70 -7.61 -14.71
N GLY B 305 -5.73 -7.73 -16.04
CA GLY B 305 -6.96 -7.96 -16.77
C GLY B 305 -7.69 -6.66 -17.06
N CYS B 306 -7.10 -5.49 -16.74
CA CYS B 306 -7.71 -4.23 -17.08
C CYS B 306 -7.49 -3.94 -18.56
N ALA B 307 -8.46 -3.24 -19.13
CA ALA B 307 -8.26 -2.64 -20.44
C ALA B 307 -7.57 -1.30 -20.20
N PHE B 308 -6.88 -0.77 -21.23
CA PHE B 308 -6.21 0.50 -21.15
C PHE B 308 -6.69 1.40 -22.27
N LEU B 309 -7.23 2.56 -21.88
CA LEU B 309 -7.63 3.57 -22.82
C LEU B 309 -6.44 4.49 -23.04
N ASN B 310 -5.92 4.47 -24.26
CA ASN B 310 -4.61 5.00 -24.60
C ASN B 310 -4.78 6.22 -25.49
N PRO B 311 -4.54 7.44 -24.97
CA PRO B 311 -4.68 8.66 -25.78
C PRO B 311 -3.81 8.67 -27.04
N LYS B 312 -4.46 8.87 -28.21
CA LYS B 312 -3.79 8.97 -29.49
C LYS B 312 -3.20 10.37 -29.68
N PHE B 313 -1.99 10.44 -30.21
CA PHE B 313 -1.33 11.74 -30.43
C PHE B 313 -1.27 12.01 -31.94
N ASN B 314 -2.14 12.89 -32.39
CA ASN B 314 -2.28 13.21 -33.81
C ASN B 314 -2.36 14.74 -33.81
N PRO B 315 -1.24 15.46 -34.03
CA PRO B 315 0.00 14.89 -34.53
C PRO B 315 0.80 14.17 -33.45
N PRO B 316 1.72 13.28 -33.85
CA PRO B 316 2.56 12.54 -32.90
C PRO B 316 3.44 13.49 -32.12
N LYS B 317 3.85 13.08 -30.92
CA LYS B 317 4.58 14.02 -30.06
C LYS B 317 6.07 13.73 -30.22
N SER B 318 6.86 14.80 -30.28
CA SER B 318 8.31 14.73 -30.40
C SER B 318 8.93 16.06 -29.92
N SER B 319 10.26 16.16 -30.04
CA SER B 319 10.98 17.41 -29.73
C SER B 319 10.43 18.60 -30.48
N LYS B 320 9.82 18.35 -31.65
CA LYS B 320 9.36 19.45 -32.47
C LYS B 320 8.14 20.14 -31.87
N ASN B 321 7.33 19.45 -31.04
CA ASN B 321 6.09 20.08 -30.62
C ASN B 321 5.81 19.95 -29.13
N THR B 322 6.71 19.30 -28.39
CA THR B 322 6.46 18.98 -27.01
C THR B 322 7.69 19.32 -26.17
N ASP B 323 7.51 20.20 -25.19
CA ASP B 323 8.54 20.68 -24.29
C ASP B 323 9.35 19.56 -23.64
N PHE B 324 8.64 18.55 -23.13
CA PHE B 324 9.25 17.39 -22.47
C PHE B 324 10.35 16.75 -23.31
N PHE B 325 10.22 16.77 -24.65
CA PHE B 325 11.12 16.06 -25.54
C PHE B 325 12.22 16.95 -26.10
N ILE B 326 12.20 18.26 -25.82
CA ILE B 326 13.20 19.14 -26.38
C ILE B 326 14.53 18.80 -25.71
N GLY B 327 15.56 18.63 -26.49
CA GLY B 327 16.83 18.27 -25.88
C GLY B 327 17.08 16.74 -25.79
N LYS B 328 16.03 15.94 -25.92
CA LYS B 328 16.24 14.49 -25.88
C LYS B 328 17.03 14.06 -27.12
N PRO B 329 18.07 13.20 -26.96
CA PRO B 329 18.95 12.84 -28.08
C PRO B 329 18.36 11.86 -29.08
N THR B 330 17.18 12.21 -29.61
CA THR B 330 16.42 11.36 -30.50
C THR B 330 15.33 12.23 -31.14
N LEU B 331 14.96 11.86 -32.38
CA LEU B 331 13.88 12.50 -33.13
C LEU B 331 12.65 11.58 -33.16
N ARG B 332 12.69 10.48 -32.41
CA ARG B 332 11.58 9.54 -32.36
C ARG B 332 10.31 10.29 -31.94
N GLU B 333 9.21 9.95 -32.57
CA GLU B 333 7.90 10.53 -32.30
C GLU B 333 7.01 9.49 -31.63
N LEU B 334 6.15 9.93 -30.72
CA LEU B 334 5.23 9.04 -30.03
C LEU B 334 3.85 9.17 -30.67
N THR B 335 3.27 8.05 -31.11
CA THR B 335 1.95 8.02 -31.75
C THR B 335 0.82 8.01 -30.75
N SER B 336 1.18 7.81 -29.47
CA SER B 336 0.21 7.71 -28.41
C SER B 336 0.95 7.75 -27.08
N GLN B 337 0.21 7.82 -25.99
CA GLN B 337 0.81 7.84 -24.66
C GLN B 337 1.73 6.64 -24.44
N HIS B 338 1.29 5.48 -24.90
CA HIS B 338 2.05 4.25 -24.74
C HIS B 338 2.10 3.53 -26.08
N PRO B 339 3.04 3.89 -26.97
CA PRO B 339 3.12 3.27 -28.30
C PRO B 339 3.37 1.78 -28.32
N TYR B 340 4.11 1.26 -27.31
CA TYR B 340 4.33 -0.18 -27.23
C TYR B 340 2.99 -0.87 -27.01
N ALA B 341 2.20 -0.37 -26.04
CA ALA B 341 0.87 -0.88 -25.76
C ALA B 341 0.00 -0.82 -27.02
N GLU B 342 0.02 0.32 -27.71
CA GLU B 342 -0.76 0.55 -28.92
C GLU B 342 -0.42 -0.51 -29.98
N VAL B 343 0.87 -0.74 -30.24
CA VAL B 343 1.26 -1.47 -31.43
C VAL B 343 1.49 -2.94 -31.12
N PHE B 344 2.12 -3.24 -29.98
CA PHE B 344 2.54 -4.59 -29.67
C PHE B 344 1.47 -5.33 -28.87
N ILE B 345 0.47 -4.62 -28.32
CA ILE B 345 -0.59 -5.28 -27.61
C ILE B 345 -1.90 -5.04 -28.35
N GLY B 346 -2.34 -3.79 -28.48
CA GLY B 346 -3.55 -3.48 -29.21
C GLY B 346 -4.80 -4.07 -28.58
N ARG B 347 -5.90 -3.98 -29.33
CA ARG B 347 -7.18 -4.50 -28.89
C ARG B 347 -7.08 -6.00 -28.70
N PRO B 348 -7.89 -6.59 -27.78
CA PRO B 348 -8.89 -5.85 -27.00
C PRO B 348 -8.39 -5.16 -25.72
N HIS B 349 -7.13 -5.42 -25.37
CA HIS B 349 -6.59 -4.95 -24.10
C HIS B 349 -6.37 -3.44 -24.13
N VAL B 350 -6.02 -2.89 -25.31
CA VAL B 350 -5.64 -1.50 -25.43
C VAL B 350 -6.47 -0.86 -26.54
N TRP B 351 -7.17 0.21 -26.18
CA TRP B 351 -7.94 1.02 -27.11
C TRP B 351 -7.28 2.38 -27.22
N THR B 352 -6.74 2.65 -28.41
CA THR B 352 -6.09 3.91 -28.73
C THR B 352 -7.08 4.85 -29.41
N VAL B 353 -7.34 5.97 -28.75
CA VAL B 353 -8.40 6.88 -29.11
C VAL B 353 -7.91 8.31 -29.00
N ASP B 354 -8.42 9.15 -29.91
CA ASP B 354 -8.20 10.59 -29.88
C ASP B 354 -9.17 11.17 -28.87
N LEU B 355 -8.60 11.79 -27.84
CA LEU B 355 -9.37 12.43 -26.79
C LEU B 355 -10.28 13.52 -27.34
N ASN B 356 -9.92 14.13 -28.49
CA ASN B 356 -10.72 15.20 -29.07
C ASN B 356 -11.96 14.65 -29.80
N ASN B 357 -11.98 13.34 -30.05
CA ASN B 357 -13.05 12.70 -30.79
C ASN B 357 -13.97 12.00 -29.79
N GLN B 358 -15.03 12.71 -29.38
CA GLN B 358 -15.91 12.25 -28.33
C GLN B 358 -16.57 10.93 -28.71
N GLU B 359 -16.73 10.65 -30.00
CA GLU B 359 -17.41 9.45 -30.44
C GLU B 359 -16.47 8.25 -30.34
N GLU B 360 -15.20 8.43 -30.73
CA GLU B 360 -14.20 7.38 -30.62
C GLU B 360 -14.09 6.97 -29.13
N VAL B 361 -14.05 7.94 -28.23
CA VAL B 361 -13.92 7.66 -26.79
C VAL B 361 -15.11 6.85 -26.29
N GLU B 362 -16.30 7.35 -26.62
CA GLU B 362 -17.52 6.73 -26.18
C GLU B 362 -17.66 5.30 -26.68
N ASP B 363 -17.39 5.07 -27.96
CA ASP B 363 -17.48 3.74 -28.53
C ASP B 363 -16.46 2.81 -27.88
N ALA B 364 -15.25 3.32 -27.59
CA ALA B 364 -14.23 2.53 -26.94
C ALA B 364 -14.74 2.08 -25.57
N VAL B 365 -15.26 3.03 -24.78
CA VAL B 365 -15.73 2.74 -23.45
C VAL B 365 -16.86 1.72 -23.47
N LYS B 366 -17.82 1.88 -24.39
CA LYS B 366 -18.92 0.92 -24.51
C LYS B 366 -18.41 -0.46 -24.90
N ALA B 367 -17.49 -0.52 -25.87
CA ALA B 367 -16.93 -1.80 -26.26
C ALA B 367 -16.27 -2.45 -25.05
N ILE B 368 -15.44 -1.67 -24.34
CA ILE B 368 -14.66 -2.20 -23.22
C ILE B 368 -15.59 -2.75 -22.15
N LEU B 369 -16.69 -2.03 -21.88
CA LEU B 369 -17.70 -2.50 -20.93
C LEU B 369 -18.23 -3.88 -21.32
N ASN B 370 -18.31 -4.18 -22.63
CA ASN B 370 -18.95 -5.41 -23.09
C ASN B 370 -17.93 -6.48 -23.43
N GLN B 371 -16.63 -6.17 -23.34
CA GLN B 371 -15.59 -7.14 -23.57
C GLN B 371 -15.39 -8.09 -22.39
N LYS B 372 -14.86 -9.28 -22.69
CA LYS B 372 -14.32 -10.19 -21.71
C LYS B 372 -12.85 -10.38 -22.00
N ILE B 373 -11.96 -10.07 -21.05
CA ILE B 373 -10.54 -10.19 -21.35
C ILE B 373 -9.83 -10.90 -20.20
N GLU B 374 -8.72 -11.52 -20.59
CA GLU B 374 -7.85 -12.24 -19.68
C GLU B 374 -6.61 -11.39 -19.43
N PRO B 375 -6.07 -11.51 -18.20
CA PRO B 375 -4.76 -10.97 -17.88
C PRO B 375 -3.84 -11.29 -19.04
N TYR B 376 -3.06 -10.29 -19.49
CA TYR B 376 -2.10 -10.51 -20.55
C TYR B 376 -0.75 -9.84 -20.26
N MET B 377 0.32 -10.51 -20.66
CA MET B 377 1.67 -10.00 -20.48
C MET B 377 2.48 -10.50 -21.67
N PRO B 378 3.12 -9.65 -22.49
CA PRO B 378 3.95 -10.16 -23.59
C PRO B 378 5.10 -10.89 -22.93
N TYR B 379 5.61 -11.93 -23.58
CA TYR B 379 6.64 -12.80 -23.05
C TYR B 379 7.90 -12.01 -22.64
N GLU B 380 8.33 -11.04 -23.46
CA GLU B 380 9.50 -10.23 -23.16
C GLU B 380 9.37 -9.43 -21.86
N PHE B 381 8.15 -9.24 -21.32
CA PHE B 381 7.97 -8.61 -20.02
C PHE B 381 7.68 -9.59 -18.87
N THR B 382 7.96 -10.89 -19.04
CA THR B 382 7.89 -11.86 -17.95
C THR B 382 9.30 -12.08 -17.44
N CYS B 383 9.38 -12.68 -16.24
CA CYS B 383 10.65 -13.09 -15.63
C CYS B 383 11.47 -13.93 -16.61
N GLU B 384 10.88 -14.97 -17.17
CA GLU B 384 11.64 -15.85 -18.04
C GLU B 384 12.05 -15.11 -19.31
N GLY B 385 11.15 -14.27 -19.84
CA GLY B 385 11.48 -13.51 -21.03
C GLY B 385 12.69 -12.58 -20.81
N MET B 386 12.66 -11.86 -19.69
CA MET B 386 13.71 -10.91 -19.43
C MET B 386 15.03 -11.65 -19.19
N LEU B 387 14.98 -12.74 -18.43
CA LEU B 387 16.17 -13.55 -18.20
C LEU B 387 16.76 -14.04 -19.52
N GLN B 388 15.91 -14.50 -20.43
CA GLN B 388 16.39 -14.98 -21.71
C GLN B 388 17.11 -13.86 -22.47
N ARG B 389 16.52 -12.66 -22.46
CA ARG B 389 17.01 -11.52 -23.21
C ARG B 389 18.37 -11.07 -22.66
N ILE B 390 18.43 -10.88 -21.34
CA ILE B 390 19.63 -10.29 -20.76
C ILE B 390 20.75 -11.33 -20.78
N ASN B 391 20.42 -12.62 -20.63
CA ASN B 391 21.42 -13.68 -20.74
C ASN B 391 22.04 -13.69 -22.12
N ALA B 392 21.22 -13.53 -23.16
CA ALA B 392 21.71 -13.46 -24.52
C ALA B 392 22.62 -12.27 -24.70
N PHE B 393 22.24 -11.10 -24.16
CA PHE B 393 23.10 -9.94 -24.33
C PHE B 393 24.44 -10.16 -23.65
N ILE B 394 24.41 -10.72 -22.43
CA ILE B 394 25.64 -10.92 -21.67
C ILE B 394 26.54 -11.91 -22.41
N GLU B 395 25.94 -12.97 -22.99
CA GLU B 395 26.75 -14.05 -23.55
C GLU B 395 27.21 -13.66 -24.94
N LYS B 396 26.40 -12.86 -25.65
CA LYS B 396 26.58 -12.76 -27.10
C LYS B 396 26.98 -11.37 -27.57
N GLN B 397 26.63 -10.30 -26.83
CA GLN B 397 26.92 -8.98 -27.32
C GLN B 397 28.34 -8.60 -26.93
N ASP B 398 29.21 -8.38 -27.92
CA ASP B 398 30.55 -7.97 -27.59
C ASP B 398 30.87 -6.81 -28.51
N PHE B 399 31.21 -5.67 -27.91
CA PHE B 399 31.61 -4.52 -28.68
C PHE B 399 33.12 -4.32 -28.49
N CYS B 400 33.78 -5.26 -27.78
CA CYS B 400 35.19 -5.10 -27.44
C CYS B 400 36.10 -5.88 -28.43
N HIS B 401 35.59 -6.26 -29.58
CA HIS B 401 36.45 -6.84 -30.59
C HIS B 401 36.06 -6.25 -31.95
N GLY B 402 36.84 -6.52 -33.00
CA GLY B 402 36.35 -6.27 -34.35
C GLY B 402 35.39 -7.38 -34.79
N MET B 405 30.12 -11.89 -36.09
CA MET B 405 29.81 -11.78 -34.64
C MET B 405 28.32 -12.11 -34.41
N TRP B 406 27.56 -11.22 -33.75
CA TRP B 406 26.21 -11.50 -33.31
C TRP B 406 25.34 -10.25 -33.37
N PRO B 407 24.10 -10.32 -33.88
CA PRO B 407 23.49 -11.55 -34.37
C PRO B 407 24.21 -12.12 -35.59
N PRO B 408 24.05 -13.43 -35.87
CA PRO B 408 24.67 -14.07 -37.04
C PRO B 408 24.12 -13.56 -38.36
N LEU B 409 25.00 -13.53 -39.37
CA LEU B 409 24.69 -12.97 -40.67
C LEU B 409 23.56 -13.75 -41.36
N SER B 410 23.36 -15.01 -41.00
CA SER B 410 22.26 -15.80 -41.51
C SER B 410 20.89 -15.15 -41.24
N ALA B 411 20.82 -14.21 -40.29
CA ALA B 411 19.55 -13.59 -39.93
C ALA B 411 19.26 -12.38 -40.80
N LEU B 412 20.27 -11.89 -41.54
CA LEU B 412 20.06 -10.69 -42.35
C LEU B 412 19.03 -10.96 -43.44
N GLN B 413 18.01 -10.09 -43.51
CA GLN B 413 17.16 -9.96 -44.68
C GLN B 413 17.14 -8.49 -45.12
N VAL B 414 17.64 -8.23 -46.32
CA VAL B 414 17.69 -6.88 -46.85
C VAL B 414 16.32 -6.48 -47.40
N LYS B 415 15.91 -5.25 -47.06
CA LYS B 415 14.74 -4.63 -47.65
C LYS B 415 15.13 -3.23 -48.11
N LEU B 416 14.37 -2.69 -49.05
CA LEU B 416 14.64 -1.38 -49.63
C LEU B 416 13.54 -0.44 -49.18
N ALA B 417 13.91 0.59 -48.40
CA ALA B 417 12.92 1.55 -47.93
C ALA B 417 12.63 2.55 -49.05
N GLU B 418 11.34 2.85 -49.25
CA GLU B 418 10.93 3.87 -50.20
C GLU B 418 11.35 5.24 -49.66
N PRO B 419 11.39 6.29 -50.53
CA PRO B 419 11.64 7.65 -50.07
C PRO B 419 10.63 8.05 -48.99
N GLY B 420 11.11 8.76 -47.96
CA GLY B 420 10.23 9.16 -46.86
C GLY B 420 9.97 8.02 -45.88
N GLN B 421 10.63 6.87 -46.09
CA GLN B 421 10.54 5.71 -45.23
C GLN B 421 11.92 5.37 -44.64
N SER B 422 11.96 5.10 -43.32
CA SER B 422 13.21 4.78 -42.62
C SER B 422 13.47 3.29 -42.70
N CYS B 423 14.70 2.89 -42.40
CA CYS B 423 15.01 1.48 -42.23
C CYS B 423 14.17 0.91 -41.08
N LYS B 424 13.94 1.71 -40.02
CA LYS B 424 13.10 1.24 -38.91
C LYS B 424 11.75 0.78 -39.45
N GLN B 425 11.11 1.69 -40.21
CA GLN B 425 9.77 1.50 -40.75
C GLN B 425 9.71 0.31 -41.71
N VAL B 426 10.65 0.23 -42.66
CA VAL B 426 10.53 -0.81 -43.68
C VAL B 426 10.63 -2.19 -43.05
N CYS B 427 11.52 -2.38 -42.08
CA CYS B 427 11.63 -3.69 -41.44
C CYS B 427 10.31 -4.00 -40.73
N GLN B 428 9.80 -3.03 -39.96
CA GLN B 428 8.57 -3.18 -39.20
C GLN B 428 7.40 -3.69 -40.04
N GLU B 429 7.21 -3.11 -41.23
CA GLU B 429 6.06 -3.43 -42.08
C GLU B 429 6.26 -4.78 -42.76
N SER B 430 7.46 -5.35 -42.73
CA SER B 430 7.66 -6.74 -43.14
C SER B 430 7.58 -7.70 -41.96
N GLN B 431 7.21 -7.20 -40.77
CA GLN B 431 7.17 -7.97 -39.52
C GLN B 431 8.58 -8.36 -39.07
N LEU B 432 9.55 -7.52 -39.42
CA LEU B 432 10.95 -7.69 -39.02
C LEU B 432 11.35 -6.49 -38.15
N ILE B 433 12.65 -6.37 -37.87
CA ILE B 433 13.16 -5.23 -37.13
C ILE B 433 14.54 -4.92 -37.70
N CYS B 434 14.88 -3.65 -37.77
CA CYS B 434 16.17 -3.19 -38.28
C CYS B 434 17.29 -3.65 -37.34
N GLU B 435 18.39 -4.13 -37.95
CA GLU B 435 19.49 -4.71 -37.21
C GLU B 435 20.78 -4.01 -37.58
N PRO B 436 21.20 -3.01 -36.77
CA PRO B 436 22.25 -2.11 -37.19
C PRO B 436 23.63 -2.72 -37.28
N SER B 437 23.86 -3.86 -36.62
CA SER B 437 25.16 -4.51 -36.73
C SER B 437 25.39 -5.07 -38.14
N PHE B 438 24.35 -5.17 -38.98
CA PHE B 438 24.48 -5.70 -40.34
C PHE B 438 24.74 -4.62 -41.39
N PHE B 439 24.75 -3.33 -41.00
CA PHE B 439 24.98 -2.25 -41.96
C PHE B 439 26.33 -2.47 -42.65
N GLN B 440 27.31 -2.87 -41.88
CA GLN B 440 28.66 -3.13 -42.37
C GLN B 440 28.65 -4.12 -43.55
N HIS B 441 27.73 -5.10 -43.55
CA HIS B 441 27.61 -6.08 -44.61
C HIS B 441 26.92 -5.54 -45.85
N LEU B 442 26.44 -4.29 -45.82
CA LEU B 442 25.66 -3.71 -46.91
C LEU B 442 26.30 -2.43 -47.41
N ASN B 443 27.63 -2.32 -47.35
CA ASN B 443 28.27 -1.04 -47.52
C ASN B 443 29.35 -1.06 -48.61
N LYS B 444 29.10 -1.77 -49.72
CA LYS B 444 29.93 -1.70 -50.94
C LYS B 444 29.35 -2.57 -52.06
N ASP B 445 29.84 -2.35 -53.28
CA ASP B 445 29.17 -2.79 -54.50
C ASP B 445 28.96 -4.31 -54.49
N LYS B 446 30.03 -5.07 -54.22
CA LYS B 446 29.96 -6.51 -54.41
C LYS B 446 29.07 -7.11 -53.33
N ASP B 447 29.06 -6.52 -52.11
CA ASP B 447 28.19 -6.98 -51.04
C ASP B 447 26.73 -6.75 -51.44
N MET B 448 26.45 -5.66 -52.16
CA MET B 448 25.07 -5.38 -52.56
C MET B 448 24.53 -6.46 -53.50
N LEU B 449 25.36 -6.95 -54.43
CA LEU B 449 24.93 -7.86 -55.46
C LEU B 449 24.22 -9.07 -54.83
N LYS B 450 24.81 -9.60 -53.74
CA LYS B 450 24.29 -10.77 -53.05
C LYS B 450 22.85 -10.59 -52.55
N TYR B 451 22.30 -9.36 -52.57
CA TYR B 451 20.97 -9.09 -52.02
C TYR B 451 20.06 -8.49 -53.10
N LYS B 452 20.32 -8.85 -54.37
CA LYS B 452 19.50 -8.47 -55.51
C LYS B 452 19.59 -6.96 -55.77
N VAL B 453 20.66 -6.33 -55.27
CA VAL B 453 20.84 -4.89 -55.40
C VAL B 453 22.09 -4.66 -56.25
N THR B 454 21.91 -4.02 -57.42
CA THR B 454 23.00 -3.89 -58.39
C THR B 454 23.39 -2.42 -58.52
N CYS B 455 24.64 -2.10 -58.17
CA CYS B 455 25.15 -0.74 -58.19
C CYS B 455 25.79 -0.46 -59.55
N GLN B 456 25.24 0.51 -60.30
CA GLN B 456 25.89 0.97 -61.53
C GLN B 456 27.01 1.93 -61.16
N SER B 457 26.65 3.00 -60.43
CA SER B 457 27.56 4.06 -60.05
C SER B 457 27.62 4.13 -58.52
N SER B 458 28.71 4.67 -57.92
CA SER B 458 28.76 4.75 -56.46
C SER B 458 29.65 5.89 -55.96
N GLU B 459 29.46 6.25 -54.68
CA GLU B 459 30.22 7.31 -54.01
C GLU B 459 29.99 7.22 -52.49
N LEU B 460 30.88 7.84 -51.70
CA LEU B 460 30.87 7.74 -50.24
C LEU B 460 30.41 9.06 -49.63
N ALA B 461 29.61 8.99 -48.56
CA ALA B 461 29.17 10.18 -47.84
C ALA B 461 29.08 9.86 -46.34
N LYS B 462 29.33 10.87 -45.50
CA LYS B 462 29.14 10.78 -44.06
C LYS B 462 27.75 11.30 -43.68
N ASP B 463 26.78 10.38 -43.66
CA ASP B 463 25.37 10.74 -43.47
C ASP B 463 24.62 9.58 -42.84
N ILE B 464 23.67 9.87 -41.93
CA ILE B 464 22.84 8.82 -41.34
C ILE B 464 21.96 8.12 -42.40
N LEU B 465 21.79 8.70 -43.59
CA LEU B 465 20.77 8.20 -44.50
C LEU B 465 21.29 7.17 -45.51
N VAL B 466 22.59 6.85 -45.48
CA VAL B 466 23.17 5.91 -46.42
C VAL B 466 23.67 4.68 -45.68
N PRO B 467 23.76 3.46 -46.30
CA PRO B 467 23.63 3.27 -47.75
C PRO B 467 22.29 3.57 -48.41
N SER B 468 22.34 4.30 -49.55
CA SER B 468 21.15 4.69 -50.30
C SER B 468 21.22 4.13 -51.72
N PHE B 469 20.05 4.05 -52.36
CA PHE B 469 19.91 3.55 -53.71
C PHE B 469 19.03 4.52 -54.50
N ASP B 470 19.54 5.03 -55.63
CA ASP B 470 18.74 5.77 -56.60
C ASP B 470 18.23 4.77 -57.64
N PRO B 471 16.91 4.49 -57.69
CA PRO B 471 16.38 3.44 -58.58
C PRO B 471 16.24 3.93 -60.02
N LYS B 472 16.24 5.26 -60.20
CA LYS B 472 16.17 5.86 -61.52
C LYS B 472 17.42 5.48 -62.32
N ASN B 473 18.60 5.66 -61.71
CA ASN B 473 19.86 5.49 -62.44
C ASN B 473 20.83 4.56 -61.69
N LYS B 474 20.27 3.64 -60.89
CA LYS B 474 21.02 2.57 -60.22
C LYS B 474 22.30 3.05 -59.54
N HIS B 475 22.20 4.21 -58.85
CA HIS B 475 23.33 4.82 -58.15
C HIS B 475 23.34 4.43 -56.66
N CYS B 476 24.50 3.94 -56.17
CA CYS B 476 24.65 3.54 -54.79
C CYS B 476 25.53 4.53 -54.03
N VAL B 477 25.02 5.07 -52.89
CA VAL B 477 25.80 5.92 -52.01
C VAL B 477 26.07 5.16 -50.71
N PHE B 478 27.36 5.07 -50.34
CA PHE B 478 27.81 4.24 -49.24
C PHE B 478 28.30 5.11 -48.09
N GLN B 479 28.33 4.48 -46.91
CA GLN B 479 28.60 5.19 -45.67
C GLN B 479 30.10 5.35 -45.53
N GLY B 480 30.56 6.58 -45.26
CA GLY B 480 31.96 6.88 -45.07
C GLY B 480 32.37 7.16 -43.62
N ASP B 481 31.39 7.25 -42.70
CA ASP B 481 31.69 7.33 -41.26
C ASP B 481 30.84 6.26 -40.58
N LEU B 482 31.47 5.14 -40.23
CA LEU B 482 30.75 3.94 -39.78
C LEU B 482 29.95 4.22 -38.49
N LEU B 483 30.36 5.18 -37.68
CA LEU B 483 29.58 5.57 -36.51
C LEU B 483 28.24 6.21 -36.91
N LEU B 484 27.98 6.47 -38.20
CA LEU B 484 26.74 7.16 -38.58
C LEU B 484 25.71 6.19 -39.11
N PHE B 485 26.00 4.89 -39.18
CA PHE B 485 24.96 3.96 -39.56
C PHE B 485 23.77 4.14 -38.62
N SER B 486 22.56 4.07 -39.20
CA SER B 486 21.34 4.52 -38.55
C SER B 486 20.14 3.82 -39.13
N CYS B 487 19.44 2.99 -38.31
CA CYS B 487 18.09 2.56 -38.63
C CYS B 487 17.16 3.76 -38.81
N ALA B 488 17.27 4.76 -37.91
CA ALA B 488 16.43 5.95 -37.92
C ALA B 488 16.79 6.82 -39.13
N GLY B 489 15.78 7.50 -39.71
CA GLY B 489 16.00 8.46 -40.77
C GLY B 489 15.49 7.95 -42.12
N ALA B 490 14.72 8.83 -42.79
CA ALA B 490 14.17 8.57 -44.12
C ALA B 490 14.88 9.41 -45.17
N HIS B 491 15.24 8.80 -46.31
CA HIS B 491 15.78 9.56 -47.41
C HIS B 491 14.64 10.31 -48.13
N PRO B 492 14.74 11.64 -48.30
CA PRO B 492 13.68 12.41 -48.94
C PRO B 492 13.50 12.16 -50.43
N ARG B 493 14.49 11.51 -51.09
CA ARG B 493 14.55 11.38 -52.54
C ARG B 493 14.77 9.93 -52.94
N HIS B 494 15.78 9.30 -52.33
CA HIS B 494 16.24 7.97 -52.71
C HIS B 494 15.59 6.89 -51.84
N GLN B 495 15.88 5.64 -52.20
CA GLN B 495 15.57 4.48 -51.38
C GLN B 495 16.73 4.28 -50.42
N ARG B 496 16.45 3.68 -49.25
CA ARG B 496 17.51 3.21 -48.38
C ARG B 496 17.64 1.70 -48.52
N VAL B 497 18.89 1.23 -48.43
CA VAL B 497 19.15 -0.18 -48.28
C VAL B 497 19.31 -0.47 -46.79
N CYS B 498 18.46 -1.40 -46.33
CA CYS B 498 18.13 -1.54 -44.91
C CYS B 498 18.41 -2.95 -44.45
N PRO B 499 19.17 -3.12 -43.33
CA PRO B 499 19.32 -4.41 -42.68
C PRO B 499 18.20 -4.74 -41.73
N CYS B 500 17.51 -5.87 -42.01
CA CYS B 500 16.45 -6.37 -41.15
C CYS B 500 16.82 -7.75 -40.64
N ARG B 501 16.13 -8.14 -39.58
CA ARG B 501 16.21 -9.47 -39.01
C ARG B 501 14.82 -9.86 -38.52
N ASP B 502 14.62 -11.17 -38.40
CA ASP B 502 13.50 -11.75 -37.71
C ASP B 502 13.71 -11.63 -36.21
N PHE B 503 12.64 -11.87 -35.45
CA PHE B 503 12.72 -12.08 -34.01
C PHE B 503 11.91 -13.29 -33.56
N ILE B 504 12.32 -13.82 -32.40
CA ILE B 504 11.52 -14.74 -31.62
C ILE B 504 10.22 -14.05 -31.19
N LYS B 505 9.12 -14.78 -31.23
CA LYS B 505 7.81 -14.17 -31.09
C LYS B 505 7.62 -13.76 -29.63
N GLY B 506 7.18 -12.50 -29.42
CA GLY B 506 7.08 -11.90 -28.11
C GLY B 506 8.45 -11.61 -27.47
N GLN B 507 9.51 -11.64 -28.28
CA GLN B 507 10.88 -11.36 -27.84
C GLN B 507 11.65 -10.67 -28.96
N VAL B 508 11.37 -9.37 -29.15
CA VAL B 508 11.80 -8.66 -30.35
C VAL B 508 13.30 -8.37 -30.30
N ALA B 509 13.91 -8.43 -29.13
CA ALA B 509 15.35 -8.18 -29.00
C ALA B 509 16.23 -9.25 -29.66
N LEU B 510 15.71 -10.44 -29.97
CA LEU B 510 16.55 -11.60 -30.29
C LEU B 510 16.06 -12.25 -31.58
N CYS B 511 16.96 -12.45 -32.55
CA CYS B 511 16.62 -13.17 -33.78
C CYS B 511 16.43 -14.64 -33.43
N LYS B 512 15.79 -15.38 -34.34
CA LYS B 512 15.46 -16.78 -34.08
C LYS B 512 16.72 -17.60 -33.77
N ASP B 513 17.81 -17.27 -34.46
CA ASP B 513 19.07 -17.97 -34.30
C ASP B 513 20.03 -17.26 -33.34
N CYS B 514 19.55 -16.52 -32.31
CA CYS B 514 20.45 -15.69 -31.51
C CYS B 514 20.70 -16.22 -30.10
N LEU B 515 20.05 -17.32 -29.72
CA LEU B 515 20.19 -17.79 -28.35
C LEU B 515 21.56 -18.43 -28.13
C1 EDO C . -7.49 -9.43 31.28
O1 EDO C . -7.46 -9.33 29.83
C2 EDO C . -6.52 -10.40 31.89
O2 EDO C . -7.02 -11.75 32.13
C1 EDO D . 24.05 3.74 10.50
O1 EDO D . 23.46 5.02 10.36
C2 EDO D . 23.05 2.65 10.53
O2 EDO D . 21.93 2.93 11.34
C16 UE0 E . -0.13 -0.51 11.85
C17 UE0 E . 1.22 -0.78 12.14
C20 UE0 E . 1.63 -1.92 13.02
C15 UE0 E . -0.48 0.60 11.06
C14 UE0 E . 0.49 1.45 10.53
C9 UE0 E . -1.48 -0.53 6.43
C8 UE0 E . -1.72 0.45 7.55
C4 UE0 E . 0.27 1.77 6.81
C5 UE0 E . -1.09 2.51 8.72
C6 UE0 E . -0.11 3.79 10.70
C3 UE0 E . 1.56 2.04 7.61
C2 UE0 E . 1.25 3.10 8.66
C1 UE0 E . 0.14 2.67 9.64
N7 UE0 E . -0.88 1.48 7.69
O10 UE0 E . -2.68 0.28 8.30
O11 UE0 E . -1.27 4.05 11.09
O13 UE0 E . 0.89 4.36 11.18
C18 UE0 E . 2.19 0.08 11.64
C19 UE0 E . 1.82 1.17 10.84
S SO4 F . -2.39 -8.77 0.72
O1 SO4 F . -1.18 -8.42 1.39
O2 SO4 F . -2.14 -9.94 -0.10
O3 SO4 F . -3.42 -9.05 1.69
O4 SO4 F . -2.85 -7.65 -0.09
S SO4 G . -28.01 15.38 21.95
O1 SO4 G . -27.84 15.34 20.52
O2 SO4 G . -27.34 14.25 22.55
O3 SO4 G . -27.44 16.59 22.46
O4 SO4 G . -29.42 15.30 22.27
S SO4 H . -38.03 -6.34 5.49
O1 SO4 H . -37.16 -6.15 4.37
O2 SO4 H . -37.75 -7.64 6.09
O3 SO4 H . -37.80 -5.31 6.46
O4 SO4 H . -39.39 -6.27 5.06
S SO4 I . -37.81 17.40 29.45
O1 SO4 I . -36.67 18.25 29.16
O2 SO4 I . -37.50 16.05 29.04
O3 SO4 I . -38.09 17.45 30.86
O4 SO4 I . -38.97 17.85 28.74
S SO4 J . -42.32 13.72 26.88
O1 SO4 J . -42.25 12.50 26.12
O2 SO4 J . -41.06 14.00 27.49
O3 SO4 J . -43.29 13.60 27.93
O4 SO4 J . -42.71 14.81 26.00
S SO4 K . 5.42 15.91 26.60
O1 SO4 K . 6.16 16.24 25.41
O2 SO4 K . 6.31 15.24 27.51
O3 SO4 K . 4.90 17.12 27.20
O4 SO4 K . 4.32 15.02 26.26
S SO4 L . -37.14 -6.23 46.25
O1 SO4 L . -36.33 -5.18 45.70
O2 SO4 L . -36.38 -6.92 47.26
O3 SO4 L . -38.32 -5.69 46.86
O4 SO4 L . -37.51 -7.18 45.20
C1 EDO M . -13.19 18.44 29.33
O1 EDO M . -12.80 19.15 28.16
C2 EDO M . -13.90 17.18 29.00
O2 EDO M . -15.13 17.48 28.35
C1 EDO N . 22.79 0.20 14.06
O1 EDO N . 22.48 1.53 14.49
C2 EDO N . 23.24 -0.73 15.14
O2 EDO N . 23.76 -0.05 16.26
C1 EDO O . 12.48 -16.75 15.89
O1 EDO O . 11.28 -16.02 15.74
C2 EDO O . 12.88 -17.44 14.64
O2 EDO O . 13.48 -16.58 13.72
C1 EDO P . -15.42 11.98 20.96
O1 EDO P . -14.55 11.12 21.75
C2 EDO P . -15.90 11.33 19.69
O2 EDO P . -17.05 11.92 19.06
C1 EDO Q . -15.86 21.55 29.54
O1 EDO Q . -15.90 20.72 30.68
C2 EDO Q . -16.12 20.83 28.26
O2 EDO Q . -17.23 19.93 28.32
S SO4 R . 18.85 -0.61 4.99
O1 SO4 R . 19.31 -1.25 3.79
O2 SO4 R . 19.53 -1.21 6.09
O3 SO4 R . 17.43 -0.79 5.12
O4 SO4 R . 19.12 0.81 4.95
S SO4 S . 29.70 14.30 -22.81
O1 SO4 S . 31.09 14.55 -22.55
O2 SO4 S . 29.51 13.02 -23.47
O3 SO4 S . 29.00 14.30 -21.55
O4 SO4 S . 29.19 15.32 -23.68
S SO4 T . 24.99 -23.81 -27.21
O1 SO4 T . 26.06 -23.13 -26.54
O2 SO4 T . 25.54 -24.65 -28.25
O3 SO4 T . 24.10 -22.85 -27.83
O4 SO4 T . 24.26 -24.62 -26.28
S SO4 U . -2.89 18.24 -26.79
O1 SO4 U . -2.41 19.45 -27.41
O2 SO4 U . -2.08 17.90 -25.65
O3 SO4 U . -2.82 17.15 -27.73
O4 SO4 U . -4.28 18.45 -26.40
S SO4 V . 23.85 -30.77 -17.67
O1 SO4 V . 24.05 -29.50 -17.02
O2 SO4 V . 25.12 -31.23 -18.24
O3 SO4 V . 23.36 -31.72 -16.70
O4 SO4 V . 22.86 -30.61 -18.73
S SO4 W . 27.51 10.68 -3.44
O1 SO4 W . 28.46 9.93 -4.23
O2 SO4 W . 28.16 11.26 -2.29
O3 SO4 W . 26.94 11.73 -4.23
O4 SO4 W . 26.45 9.79 -3.00
#